data_6SLO
#
_entry.id   6SLO
#
_cell.length_a   81.520
_cell.length_b   89.400
_cell.length_c   149.210
_cell.angle_alpha   90.000
_cell.angle_beta   90.000
_cell.angle_gamma   90.000
#
_symmetry.space_group_name_H-M   'P 21 21 2'
#
loop_
_entity.id
_entity.type
_entity.pdbx_description
1 polymer 'Thioredoxin,Poly(U)-binding-splicing factor PUF60'
2 non-polymer 'MAGNESIUM ION'
3 non-polymer 2-[4-[3-(8-chloranyl-2,3-dimethoxy-phenothiazin-10-yl)propyl]piperazin-1-yl]ethanol
4 water water
#
_entity_poly.entity_id   1
_entity_poly.type   'polypeptide(L)'
_entity_poly.pdbx_seq_one_letter_code
;MKHHHHHHPMSDKIIHLTDDSFDTDVLKADGAILVDFWAEWCGPCKMIAPILDEIADEYQGKLTVAKLNIDQNPGTAPKY
GIRGIPTLLLFKNGEVAATKVGALSKGQLKEFLDANLAGSAMESTVMVLRNMVDPKDIDDDLEGEVTEECGKFGAVNRVI
IYQEKQGEEEDAEIIVKIFVEFSIASETHKAIQALNGRWFAGRKVVAEVYDQERFDNSDLSA
;
_entity_poly.pdbx_strand_id   A,B,C,D
#
# COMPACT_ATOMS: atom_id res chain seq x y z
N PRO A 9 16.41 -30.08 22.80
CA PRO A 9 17.79 -30.01 23.28
C PRO A 9 18.36 -28.59 23.19
N MET A 10 19.68 -28.46 23.35
CA MET A 10 20.37 -27.18 23.13
C MET A 10 20.75 -26.99 21.67
N SER A 11 19.90 -27.40 20.75
CA SER A 11 20.20 -27.46 19.33
C SER A 11 19.26 -26.56 18.52
N ASP A 12 19.61 -26.40 17.24
CA ASP A 12 18.93 -25.51 16.31
C ASP A 12 17.57 -26.09 15.94
N LYS A 13 16.50 -25.34 16.20
CA LYS A 13 15.16 -25.81 15.88
C LYS A 13 14.67 -25.35 14.51
N ILE A 14 15.42 -24.50 13.82
CA ILE A 14 15.02 -23.99 12.51
C ILE A 14 15.42 -25.00 11.43
N ILE A 15 14.53 -25.23 10.47
CA ILE A 15 14.87 -26.05 9.32
C ILE A 15 15.57 -25.17 8.28
N HIS A 16 16.75 -25.60 7.83
CA HIS A 16 17.51 -24.85 6.82
C HIS A 16 17.18 -25.43 5.44
N LEU A 17 16.44 -24.67 4.64
CA LEU A 17 15.92 -25.13 3.36
C LEU A 17 16.90 -24.86 2.23
N THR A 18 16.75 -25.65 1.16
CA THR A 18 17.36 -25.39 -0.14
C THR A 18 16.26 -25.50 -1.20
N ASP A 19 16.59 -25.08 -2.42
CA ASP A 19 15.61 -25.23 -3.51
C ASP A 19 15.20 -26.69 -3.69
N ASP A 20 16.18 -27.61 -3.59
CA ASP A 20 15.91 -29.02 -3.81
C ASP A 20 15.07 -29.62 -2.70
N SER A 21 15.20 -29.12 -1.48
CA SER A 21 14.50 -29.72 -0.36
C SER A 21 13.16 -29.05 -0.07
N PHE A 22 12.83 -27.94 -0.74
CA PHE A 22 11.65 -27.16 -0.38
C PHE A 22 10.36 -27.99 -0.46
N ASP A 23 10.22 -28.80 -1.51
CA ASP A 23 8.97 -29.54 -1.69
C ASP A 23 8.72 -30.51 -0.54
N THR A 24 9.71 -31.31 -0.18
CA THR A 24 9.45 -32.28 0.89
C THR A 24 9.45 -31.61 2.25
N ASP A 25 10.35 -30.63 2.47
CA ASP A 25 10.47 -30.01 3.80
C ASP A 25 9.28 -29.11 4.13
N VAL A 26 8.72 -28.43 3.12
CA VAL A 26 7.65 -27.45 3.34
C VAL A 26 6.31 -27.97 2.83
N LEU A 27 6.24 -28.31 1.55
CA LEU A 27 4.94 -28.66 0.95
C LEU A 27 4.38 -29.97 1.47
N LYS A 28 5.22 -30.95 1.73
CA LYS A 28 4.73 -32.27 2.20
C LYS A 28 4.92 -32.43 3.71
N ALA A 29 5.21 -31.36 4.42
CA ALA A 29 5.46 -31.51 5.85
C ALA A 29 4.14 -31.68 6.59
N ASP A 30 4.23 -32.26 7.79
CA ASP A 30 3.07 -32.33 8.67
C ASP A 30 3.08 -31.11 9.57
N GLY A 31 1.91 -30.52 9.76
CA GLY A 31 1.76 -29.36 10.60
C GLY A 31 2.18 -28.07 9.91
N ALA A 32 1.92 -26.96 10.60
CA ALA A 32 2.21 -25.64 10.08
C ALA A 32 3.71 -25.37 9.97
N ILE A 33 4.11 -24.71 8.88
CA ILE A 33 5.51 -24.37 8.62
C ILE A 33 5.56 -22.87 8.32
N LEU A 34 6.36 -22.13 9.08
CA LEU A 34 6.59 -20.71 8.82
C LEU A 34 7.92 -20.57 8.09
N VAL A 35 7.88 -20.09 6.85
CA VAL A 35 9.05 -20.00 5.98
C VAL A 35 9.51 -18.54 5.94
N ASP A 36 10.79 -18.32 6.19
CA ASP A 36 11.42 -17.01 6.17
C ASP A 36 12.37 -16.94 4.98
N PHE A 37 12.05 -16.08 3.99
CA PHE A 37 12.93 -15.82 2.86
C PHE A 37 13.87 -14.69 3.26
N TRP A 38 15.19 -14.95 3.25
CA TRP A 38 16.13 -14.04 3.89
C TRP A 38 17.47 -14.04 3.15
N ALA A 39 18.37 -13.18 3.62
CA ALA A 39 19.73 -13.11 3.10
C ALA A 39 20.63 -12.55 4.19
N GLU A 40 21.92 -12.89 4.08
CA GLU A 40 22.87 -12.57 5.14
C GLU A 40 23.09 -11.08 5.29
N TRP A 41 23.02 -10.32 4.19
CA TRP A 41 23.22 -8.87 4.19
C TRP A 41 21.97 -8.10 4.56
N CYS A 42 20.85 -8.76 4.83
CA CYS A 42 19.58 -8.09 5.01
C CYS A 42 19.41 -7.69 6.47
N GLY A 43 19.36 -6.39 6.73
CA GLY A 43 19.24 -5.87 8.08
C GLY A 43 18.03 -6.35 8.86
N PRO A 44 16.83 -6.07 8.34
CA PRO A 44 15.62 -6.56 9.03
C PRO A 44 15.55 -8.08 9.11
N CYS A 45 16.20 -8.82 8.21
CA CYS A 45 16.22 -10.26 8.41
C CYS A 45 17.02 -10.63 9.65
N LYS A 46 18.17 -9.97 9.85
CA LYS A 46 18.94 -10.18 11.07
C LYS A 46 18.16 -9.73 12.30
N MET A 47 17.39 -8.64 12.17
CA MET A 47 16.69 -8.14 13.34
C MET A 47 15.58 -9.09 13.78
N ILE A 48 14.94 -9.82 12.86
CA ILE A 48 13.92 -10.79 13.29
C ILE A 48 14.47 -12.18 13.57
N ALA A 49 15.75 -12.45 13.25
CA ALA A 49 16.31 -13.77 13.46
C ALA A 49 16.17 -14.29 14.90
N PRO A 50 16.49 -13.51 15.93
CA PRO A 50 16.29 -14.05 17.29
C PRO A 50 14.82 -14.15 17.68
N ILE A 51 13.96 -13.31 17.09
CA ILE A 51 12.52 -13.47 17.34
C ILE A 51 12.06 -14.82 16.81
N LEU A 52 12.49 -15.19 15.61
CA LEU A 52 12.13 -16.48 15.04
C LEU A 52 12.68 -17.65 15.85
N ASP A 53 13.88 -17.48 16.43
CA ASP A 53 14.40 -18.52 17.31
C ASP A 53 13.51 -18.72 18.53
N GLU A 54 13.04 -17.63 19.13
CA GLU A 54 12.15 -17.75 20.29
C GLU A 54 10.82 -18.35 19.90
N ILE A 55 10.27 -17.92 18.76
CA ILE A 55 9.02 -18.48 18.27
C ILE A 55 9.17 -19.98 18.03
N ALA A 56 10.27 -20.40 17.41
CA ALA A 56 10.48 -21.81 17.13
C ALA A 56 10.48 -22.64 18.40
N ASP A 57 10.98 -22.08 19.50
CA ASP A 57 10.99 -22.76 20.79
C ASP A 57 9.61 -22.67 21.45
N GLU A 58 9.01 -21.48 21.49
CA GLU A 58 7.74 -21.31 22.19
C GLU A 58 6.57 -21.98 21.49
N TYR A 59 6.64 -22.16 20.17
CA TYR A 59 5.57 -22.80 19.42
C TYR A 59 5.91 -24.24 19.02
N GLN A 60 6.92 -24.82 19.66
CA GLN A 60 7.30 -26.21 19.44
C GLN A 60 6.10 -27.15 19.52
N GLY A 61 6.02 -28.09 18.58
CA GLY A 61 4.89 -28.99 18.55
C GLY A 61 3.67 -28.41 17.90
N LYS A 62 3.66 -27.12 17.63
CA LYS A 62 2.54 -26.43 17.01
C LYS A 62 2.94 -25.75 15.72
N LEU A 63 4.23 -25.48 15.50
CA LEU A 63 4.72 -24.79 14.34
C LEU A 63 6.19 -25.15 14.14
N THR A 64 6.61 -25.29 12.89
CA THR A 64 8.02 -25.40 12.54
C THR A 64 8.42 -24.15 11.77
N VAL A 65 9.57 -23.57 12.12
CA VAL A 65 10.14 -22.41 11.44
C VAL A 65 11.21 -22.90 10.48
N ALA A 66 11.21 -22.39 9.25
CA ALA A 66 12.18 -22.77 8.24
C ALA A 66 12.69 -21.53 7.52
N LYS A 67 13.92 -21.60 7.03
CA LYS A 67 14.55 -20.46 6.37
C LYS A 67 15.09 -20.87 5.01
N LEU A 68 14.87 -20.03 4.01
CA LEU A 68 15.45 -20.23 2.69
C LEU A 68 16.26 -18.99 2.36
N ASN A 69 17.58 -19.17 2.24
CA ASN A 69 18.44 -18.07 1.82
C ASN A 69 18.30 -17.87 0.32
N ILE A 70 17.83 -16.69 -0.09
CA ILE A 70 17.53 -16.50 -1.51
C ILE A 70 18.75 -16.22 -2.37
N ASP A 71 19.91 -15.90 -1.78
CA ASP A 71 21.14 -15.83 -2.55
C ASP A 71 21.63 -17.24 -2.89
N GLN A 72 21.65 -18.11 -1.89
CA GLN A 72 22.16 -19.46 -2.08
C GLN A 72 21.15 -20.37 -2.78
N ASN A 73 19.86 -20.02 -2.75
CA ASN A 73 18.80 -20.83 -3.36
C ASN A 73 17.86 -19.91 -4.11
N PRO A 74 18.23 -19.50 -5.33
CA PRO A 74 17.48 -18.45 -6.02
C PRO A 74 16.24 -18.90 -6.76
N GLY A 75 15.95 -20.21 -6.78
CA GLY A 75 14.87 -20.68 -7.62
C GLY A 75 13.48 -20.58 -7.00
N THR A 76 13.38 -20.69 -5.68
CA THR A 76 12.07 -20.89 -5.06
C THR A 76 11.31 -19.58 -4.89
N ALA A 77 11.96 -18.54 -4.38
CA ALA A 77 11.22 -17.32 -4.02
C ALA A 77 10.44 -16.69 -5.17
N PRO A 78 10.95 -16.62 -6.40
CA PRO A 78 10.12 -16.04 -7.47
C PRO A 78 8.87 -16.83 -7.76
N LYS A 79 8.86 -18.15 -7.47
CA LYS A 79 7.65 -18.93 -7.67
C LYS A 79 6.55 -18.54 -6.69
N TYR A 80 6.89 -17.81 -5.64
CA TYR A 80 5.92 -17.29 -4.68
C TYR A 80 5.74 -15.78 -4.79
N GLY A 81 6.31 -15.15 -5.81
CA GLY A 81 6.16 -13.72 -5.96
C GLY A 81 6.82 -12.95 -4.84
N ILE A 82 7.88 -13.50 -4.25
CA ILE A 82 8.63 -12.76 -3.23
C ILE A 82 9.31 -11.56 -3.87
N ARG A 83 9.29 -10.43 -3.16
CA ARG A 83 9.90 -9.21 -3.67
C ARG A 83 10.96 -8.74 -2.68
N GLY A 84 10.54 -8.01 -1.61
CA GLY A 84 11.46 -7.63 -0.56
C GLY A 84 11.63 -8.73 0.49
N ILE A 85 12.67 -8.58 1.32
CA ILE A 85 12.93 -9.54 2.40
C ILE A 85 13.14 -8.78 3.71
N PRO A 86 12.83 -9.37 4.87
CA PRO A 86 12.28 -10.73 4.99
C PRO A 86 10.84 -10.77 4.54
N THR A 87 10.42 -11.91 3.99
CA THR A 87 9.01 -12.20 3.78
C THR A 87 8.72 -13.53 4.45
N LEU A 88 7.60 -13.60 5.16
CA LEU A 88 7.19 -14.82 5.84
C LEU A 88 5.97 -15.40 5.14
N LEU A 89 6.02 -16.70 4.83
CA LEU A 89 4.88 -17.44 4.32
C LEU A 89 4.55 -18.54 5.33
N LEU A 90 3.29 -18.63 5.70
CA LEU A 90 2.82 -19.71 6.57
C LEU A 90 2.14 -20.76 5.70
N PHE A 91 2.67 -21.99 5.73
CA PHE A 91 2.12 -23.10 4.96
C PHE A 91 1.41 -24.07 5.88
N LYS A 92 0.32 -24.67 5.38
CA LYS A 92 -0.26 -25.81 6.06
C LYS A 92 -0.81 -26.77 5.02
N ASN A 93 -0.38 -28.03 5.12
CA ASN A 93 -0.77 -29.10 4.19
C ASN A 93 -0.62 -28.66 2.74
N GLY A 94 0.49 -28.00 2.44
CA GLY A 94 0.80 -27.61 1.08
C GLY A 94 0.09 -26.38 0.57
N GLU A 95 -0.74 -25.74 1.39
CA GLU A 95 -1.43 -24.49 1.04
C GLU A 95 -0.75 -23.31 1.72
N VAL A 96 -0.74 -22.17 1.04
CA VAL A 96 -0.25 -20.93 1.65
C VAL A 96 -1.38 -20.35 2.49
N ALA A 97 -1.22 -20.37 3.82
CA ALA A 97 -2.29 -19.91 4.70
C ALA A 97 -2.24 -18.40 4.94
N ALA A 98 -1.06 -17.81 4.91
CA ALA A 98 -0.93 -16.38 5.19
C ALA A 98 0.46 -15.92 4.77
N THR A 99 0.56 -14.62 4.50
CA THR A 99 1.83 -14.01 4.13
C THR A 99 2.04 -12.76 4.97
N LYS A 100 3.31 -12.42 5.21
CA LYS A 100 3.64 -11.21 5.93
C LYS A 100 4.96 -10.69 5.40
N VAL A 101 4.95 -9.45 4.97
CA VAL A 101 6.09 -8.83 4.30
C VAL A 101 6.76 -7.89 5.28
N GLY A 102 8.09 -8.02 5.44
CA GLY A 102 8.85 -7.09 6.25
C GLY A 102 9.00 -7.49 7.71
N ALA A 103 9.85 -6.74 8.41
CA ALA A 103 10.11 -7.03 9.82
C ALA A 103 8.91 -6.66 10.69
N LEU A 104 8.89 -7.23 11.88
CA LEU A 104 7.80 -7.02 12.81
C LEU A 104 8.26 -7.40 14.20
N SER A 105 7.52 -6.91 15.19
CA SER A 105 7.82 -7.23 16.59
C SER A 105 7.44 -8.67 16.93
N LYS A 106 7.98 -9.17 18.05
CA LYS A 106 7.57 -10.48 18.53
C LYS A 106 6.07 -10.50 18.85
N GLY A 107 5.56 -9.40 19.41
CA GLY A 107 4.13 -9.34 19.69
C GLY A 107 3.29 -9.37 18.44
N GLN A 108 3.72 -8.64 17.40
CA GLN A 108 3.02 -8.69 16.13
C GLN A 108 3.12 -10.07 15.51
N LEU A 109 4.30 -10.71 15.60
CA LEU A 109 4.43 -12.04 15.03
C LEU A 109 3.54 -13.05 15.75
N LYS A 110 3.47 -12.93 17.08
CA LYS A 110 2.62 -13.86 17.83
C LYS A 110 1.14 -13.66 17.52
N GLU A 111 0.72 -12.42 17.22
CA GLU A 111 -0.67 -12.23 16.83
C GLU A 111 -0.92 -12.72 15.41
N PHE A 112 0.05 -12.52 14.52
CA PHE A 112 -0.05 -13.05 13.16
C PHE A 112 -0.17 -14.57 13.18
N LEU A 113 0.62 -15.23 14.02
CA LEU A 113 0.61 -16.69 14.09
C LEU A 113 -0.63 -17.20 14.81
N ASP A 114 -0.97 -16.59 15.96
CA ASP A 114 -2.13 -17.05 16.71
C ASP A 114 -3.41 -16.91 15.88
N ALA A 115 -3.52 -15.82 15.12
CA ALA A 115 -4.74 -15.60 14.34
C ALA A 115 -4.83 -16.52 13.15
N ASN A 116 -3.73 -17.18 12.77
CA ASN A 116 -3.74 -18.01 11.57
C ASN A 116 -3.54 -19.48 11.88
N LEU A 117 -3.07 -19.82 13.07
CA LEU A 117 -3.06 -21.20 13.55
C LEU A 117 -4.31 -21.54 14.35
N ALA A 118 -5.25 -20.61 14.47
CA ALA A 118 -6.34 -20.77 15.43
C ALA A 118 -7.37 -21.80 14.97
N GLY A 119 -7.83 -21.71 13.74
CA GLY A 119 -8.94 -22.55 13.34
C GLY A 119 -10.21 -21.74 13.48
N SER A 120 -11.32 -22.35 13.90
CA SER A 120 -12.59 -21.63 13.94
C SER A 120 -12.94 -21.33 15.39
N ALA A 121 -13.66 -20.23 15.59
CA ALA A 121 -14.00 -19.86 16.95
C ALA A 121 -15.22 -20.59 17.47
N MET A 122 -15.93 -21.33 16.61
CA MET A 122 -17.20 -21.91 17.01
C MET A 122 -17.58 -22.99 16.02
N GLU A 123 -18.06 -24.12 16.53
CA GLU A 123 -18.64 -25.14 15.66
C GLU A 123 -20.04 -24.69 15.25
N SER A 124 -20.28 -24.64 13.94
CA SER A 124 -21.50 -24.03 13.42
C SER A 124 -22.66 -25.03 13.48
N THR A 125 -23.88 -24.49 13.58
CA THR A 125 -25.08 -25.29 13.37
C THR A 125 -25.39 -25.50 11.89
N VAL A 126 -24.67 -24.83 10.99
CA VAL A 126 -25.00 -24.81 9.58
C VAL A 126 -24.05 -25.73 8.83
N MET A 127 -24.62 -26.67 8.09
CA MET A 127 -23.87 -27.53 7.19
C MET A 127 -24.15 -27.07 5.77
N VAL A 128 -23.13 -27.08 4.92
CA VAL A 128 -23.33 -26.83 3.50
C VAL A 128 -22.93 -28.09 2.73
N LEU A 129 -23.79 -28.48 1.79
CA LEU A 129 -23.54 -29.63 0.92
C LEU A 129 -23.18 -29.07 -0.45
N ARG A 130 -21.98 -29.37 -0.92
CA ARG A 130 -21.51 -28.90 -2.22
C ARG A 130 -21.39 -30.06 -3.19
N ASN A 131 -21.53 -29.76 -4.48
CA ASN A 131 -21.41 -30.76 -5.55
C ASN A 131 -22.48 -31.84 -5.45
N MET A 132 -23.65 -31.51 -4.90
CA MET A 132 -24.66 -32.54 -4.74
C MET A 132 -25.61 -32.65 -5.92
N VAL A 133 -26.04 -31.53 -6.50
CA VAL A 133 -26.99 -31.53 -7.62
C VAL A 133 -26.65 -30.40 -8.58
N ASP A 134 -27.06 -30.57 -9.85
CA ASP A 134 -27.02 -29.48 -10.83
C ASP A 134 -28.36 -28.73 -10.87
N PRO A 135 -28.33 -27.47 -11.30
CA PRO A 135 -29.59 -26.69 -11.33
C PRO A 135 -30.71 -27.36 -12.11
N LYS A 136 -30.40 -28.07 -13.20
CA LYS A 136 -31.44 -28.76 -13.94
C LYS A 136 -32.18 -29.77 -13.08
N ASP A 137 -31.52 -30.36 -12.08
CA ASP A 137 -32.11 -31.38 -11.24
C ASP A 137 -32.96 -30.83 -10.09
N ILE A 138 -32.91 -29.53 -9.83
CA ILE A 138 -33.72 -28.96 -8.76
C ILE A 138 -35.19 -29.06 -9.13
N ASP A 139 -36.01 -29.50 -8.18
CA ASP A 139 -37.46 -29.42 -8.33
C ASP A 139 -38.06 -29.04 -6.97
N ASP A 140 -39.38 -29.03 -6.89
CA ASP A 140 -40.05 -28.54 -5.70
C ASP A 140 -40.00 -29.52 -4.54
N ASP A 141 -39.63 -30.78 -4.79
CA ASP A 141 -39.50 -31.75 -3.72
C ASP A 141 -38.11 -31.80 -3.11
N LEU A 142 -37.12 -31.16 -3.73
CA LEU A 142 -35.73 -31.32 -3.28
C LEU A 142 -35.55 -30.83 -1.85
N GLU A 143 -36.13 -29.68 -1.51
CA GLU A 143 -35.98 -29.15 -0.16
C GLU A 143 -36.57 -30.10 0.88
N GLY A 144 -37.75 -30.65 0.59
CA GLY A 144 -38.36 -31.59 1.52
C GLY A 144 -37.59 -32.89 1.63
N GLU A 145 -37.01 -33.36 0.53
CA GLU A 145 -36.20 -34.57 0.56
C GLU A 145 -34.96 -34.38 1.45
N VAL A 146 -34.26 -33.26 1.28
CA VAL A 146 -33.10 -32.97 2.12
C VAL A 146 -33.50 -32.90 3.57
N THR A 147 -34.65 -32.27 3.86
CA THR A 147 -35.12 -32.14 5.24
C THR A 147 -35.37 -33.51 5.86
N GLU A 148 -36.05 -34.40 5.14
CA GLU A 148 -36.34 -35.70 5.74
C GLU A 148 -35.08 -36.55 5.88
N GLU A 149 -34.17 -36.46 4.92
CA GLU A 149 -32.94 -37.24 5.01
C GLU A 149 -32.06 -36.73 6.16
N CYS A 150 -32.01 -35.42 6.34
CA CYS A 150 -31.12 -34.90 7.36
C CYS A 150 -31.75 -34.94 8.75
N GLY A 151 -33.05 -35.22 8.84
CA GLY A 151 -33.68 -35.53 10.10
C GLY A 151 -33.14 -36.78 10.76
N LYS A 152 -32.45 -37.64 10.01
CA LYS A 152 -31.84 -38.80 10.64
C LYS A 152 -30.75 -38.40 11.61
N PHE A 153 -30.18 -37.20 11.46
CA PHE A 153 -29.08 -36.74 12.30
C PHE A 153 -29.50 -35.80 13.43
N GLY A 154 -30.68 -35.21 13.35
CA GLY A 154 -31.12 -34.26 14.35
C GLY A 154 -32.22 -33.37 13.80
N ALA A 155 -32.58 -32.36 14.59
CA ALA A 155 -33.67 -31.47 14.23
C ALA A 155 -33.21 -30.46 13.19
N VAL A 156 -33.92 -30.40 12.06
CA VAL A 156 -33.57 -29.51 10.96
C VAL A 156 -34.41 -28.24 11.09
N ASN A 157 -33.73 -27.09 11.24
CA ASN A 157 -34.41 -25.79 11.35
C ASN A 157 -34.87 -25.30 9.99
N ARG A 158 -33.98 -25.36 8.99
CA ARG A 158 -34.22 -24.77 7.69
C ARG A 158 -33.24 -25.36 6.69
N VAL A 159 -33.69 -25.47 5.44
CA VAL A 159 -32.88 -25.92 4.32
C VAL A 159 -32.96 -24.85 3.23
N ILE A 160 -31.82 -24.46 2.68
CA ILE A 160 -31.76 -23.48 1.58
C ILE A 160 -31.19 -24.14 0.35
N ILE A 161 -31.93 -24.08 -0.77
CA ILE A 161 -31.43 -24.52 -2.06
C ILE A 161 -30.89 -23.26 -2.77
N TYR A 162 -29.57 -23.11 -2.77
CA TYR A 162 -28.93 -21.89 -3.26
C TYR A 162 -28.21 -22.13 -4.58
N GLN A 163 -28.53 -21.33 -5.57
CA GLN A 163 -27.87 -21.38 -6.87
C GLN A 163 -26.94 -20.19 -6.99
N GLU A 164 -25.69 -20.44 -7.40
CA GLU A 164 -24.67 -19.41 -7.40
C GLU A 164 -24.00 -19.38 -8.77
N LYS A 165 -24.02 -18.22 -9.41
CA LYS A 165 -23.32 -18.03 -10.68
C LYS A 165 -21.85 -17.81 -10.38
N GLN A 166 -20.98 -18.56 -11.06
CA GLN A 166 -19.56 -18.62 -10.76
C GLN A 166 -18.74 -17.64 -11.62
N GLY A 167 -19.11 -16.39 -11.68
CA GLY A 167 -18.39 -15.45 -12.52
C GLY A 167 -19.33 -14.47 -13.17
N GLU A 168 -18.73 -13.44 -13.77
CA GLU A 168 -19.45 -12.34 -14.39
C GLU A 168 -19.84 -12.56 -15.86
N GLU A 169 -19.19 -13.51 -16.54
CA GLU A 169 -19.42 -13.76 -17.95
C GLU A 169 -20.86 -14.26 -18.14
N GLU A 170 -21.43 -14.04 -19.32
CA GLU A 170 -22.79 -14.48 -19.56
C GLU A 170 -22.95 -15.99 -19.36
N ASP A 171 -22.06 -16.78 -19.97
CA ASP A 171 -22.15 -18.24 -19.94
C ASP A 171 -21.55 -18.85 -18.67
N ALA A 172 -21.41 -18.07 -17.60
CA ALA A 172 -20.76 -18.56 -16.39
C ALA A 172 -21.54 -19.73 -15.81
N GLU A 173 -20.81 -20.70 -15.25
CA GLU A 173 -21.43 -21.87 -14.66
C GLU A 173 -22.23 -21.49 -13.41
N ILE A 174 -23.34 -22.19 -13.21
CA ILE A 174 -24.17 -22.08 -12.01
C ILE A 174 -24.04 -23.38 -11.23
N ILE A 175 -23.69 -23.27 -9.95
CA ILE A 175 -23.59 -24.42 -9.08
C ILE A 175 -24.65 -24.29 -7.98
N VAL A 176 -24.91 -25.41 -7.31
CA VAL A 176 -25.91 -25.47 -6.25
C VAL A 176 -25.21 -25.73 -4.93
N LYS A 177 -25.52 -24.92 -3.93
CA LYS A 177 -25.14 -25.14 -2.55
C LYS A 177 -26.41 -25.44 -1.77
N ILE A 178 -26.42 -26.54 -1.02
CA ILE A 178 -27.57 -26.87 -0.18
C ILE A 178 -27.17 -26.63 1.27
N PHE A 179 -27.84 -25.66 1.89
CA PHE A 179 -27.59 -25.31 3.28
C PHE A 179 -28.59 -26.04 4.17
N VAL A 180 -28.09 -26.67 5.23
CA VAL A 180 -28.93 -27.35 6.20
C VAL A 180 -28.58 -26.81 7.58
N GLU A 181 -29.50 -26.08 8.19
CA GLU A 181 -29.28 -25.53 9.53
C GLU A 181 -29.95 -26.44 10.54
N PHE A 182 -29.17 -26.96 11.49
CA PHE A 182 -29.70 -27.80 12.56
C PHE A 182 -29.94 -26.97 13.82
N SER A 183 -30.61 -27.58 14.79
CA SER A 183 -30.96 -26.83 16.01
C SER A 183 -29.75 -26.59 16.91
N ILE A 184 -28.78 -27.50 16.91
CA ILE A 184 -27.60 -27.37 17.77
C ILE A 184 -26.43 -28.07 17.11
N ALA A 185 -25.21 -27.60 17.41
CA ALA A 185 -24.03 -27.94 16.63
C ALA A 185 -23.68 -29.43 16.70
N SER A 186 -24.08 -30.12 17.77
CA SER A 186 -23.84 -31.55 17.87
C SER A 186 -24.56 -32.31 16.77
N GLU A 187 -25.75 -31.86 16.38
CA GLU A 187 -26.48 -32.50 15.29
C GLU A 187 -25.78 -32.27 13.96
N THR A 188 -25.39 -31.02 13.71
CA THR A 188 -24.63 -30.66 12.51
C THR A 188 -23.38 -31.51 12.36
N HIS A 189 -22.68 -31.75 13.47
CA HIS A 189 -21.46 -32.55 13.43
C HIS A 189 -21.75 -33.99 13.02
N LYS A 190 -22.81 -34.60 13.56
CA LYS A 190 -23.13 -35.97 13.15
C LYS A 190 -23.42 -36.04 11.65
N ALA A 191 -24.19 -35.09 11.14
CA ALA A 191 -24.54 -35.10 9.72
C ALA A 191 -23.29 -34.96 8.84
N ILE A 192 -22.39 -34.05 9.22
CA ILE A 192 -21.18 -33.82 8.43
C ILE A 192 -20.31 -35.07 8.39
N GLN A 193 -20.07 -35.67 9.56
CA GLN A 193 -19.23 -36.88 9.61
C GLN A 193 -19.84 -38.02 8.80
N ALA A 194 -21.18 -38.13 8.81
CA ALA A 194 -21.82 -39.23 8.12
C ALA A 194 -21.89 -39.02 6.61
N LEU A 195 -21.99 -37.77 6.15
CA LEU A 195 -22.25 -37.48 4.75
C LEU A 195 -21.02 -37.06 3.95
N ASN A 196 -20.02 -36.45 4.59
CA ASN A 196 -18.89 -35.90 3.85
C ASN A 196 -18.12 -36.98 3.10
N GLY A 197 -17.91 -36.78 1.81
CA GLY A 197 -17.18 -37.73 0.99
C GLY A 197 -18.02 -38.86 0.45
N ARG A 198 -19.31 -38.90 0.77
CA ARG A 198 -20.19 -39.94 0.26
C ARG A 198 -20.61 -39.63 -1.17
N TRP A 199 -20.92 -40.68 -1.92
CA TRP A 199 -21.32 -40.54 -3.31
C TRP A 199 -22.84 -40.51 -3.41
N PHE A 200 -23.37 -39.57 -4.20
CA PHE A 200 -24.81 -39.38 -4.36
C PHE A 200 -25.08 -39.20 -5.84
N ALA A 201 -25.75 -40.19 -6.45
CA ALA A 201 -26.14 -40.16 -7.86
C ALA A 201 -24.96 -39.84 -8.75
N GLY A 202 -23.84 -40.51 -8.50
CA GLY A 202 -22.64 -40.35 -9.30
C GLY A 202 -21.77 -39.15 -8.97
N ARG A 203 -22.04 -38.45 -7.86
CA ARG A 203 -21.28 -37.28 -7.48
C ARG A 203 -20.79 -37.42 -6.06
N LYS A 204 -19.55 -36.99 -5.81
CA LYS A 204 -18.95 -37.04 -4.48
C LYS A 204 -19.28 -35.76 -3.74
N VAL A 205 -20.07 -35.87 -2.67
CA VAL A 205 -20.59 -34.72 -1.95
C VAL A 205 -19.55 -34.25 -0.94
N VAL A 206 -19.40 -32.94 -0.84
CA VAL A 206 -18.65 -32.31 0.24
C VAL A 206 -19.65 -31.75 1.24
N ALA A 207 -19.55 -32.20 2.48
CA ALA A 207 -20.38 -31.72 3.58
C ALA A 207 -19.46 -31.14 4.64
N GLU A 208 -19.67 -29.88 4.99
CA GLU A 208 -18.76 -29.17 5.88
C GLU A 208 -19.51 -28.08 6.61
N VAL A 209 -18.91 -27.58 7.70
CA VAL A 209 -19.52 -26.47 8.44
C VAL A 209 -19.51 -25.23 7.56
N TYR A 210 -20.50 -24.36 7.77
CA TYR A 210 -20.57 -23.09 7.08
C TYR A 210 -20.70 -22.01 8.14
N ASP A 211 -19.94 -20.93 7.98
CA ASP A 211 -19.89 -19.89 9.00
C ASP A 211 -21.28 -19.44 9.43
N GLN A 212 -21.57 -19.59 10.72
CA GLN A 212 -22.91 -19.32 11.21
C GLN A 212 -23.27 -17.84 11.11
N GLU A 213 -22.34 -16.94 11.43
CA GLU A 213 -22.67 -15.51 11.38
C GLU A 213 -22.99 -15.06 9.96
N ARG A 214 -22.21 -15.51 8.97
CA ARG A 214 -22.53 -15.27 7.57
C ARG A 214 -23.95 -15.74 7.24
N PHE A 215 -24.24 -17.00 7.59
CA PHE A 215 -25.56 -17.56 7.29
C PHE A 215 -26.67 -16.77 7.98
N ASP A 216 -26.48 -16.44 9.26
CA ASP A 216 -27.46 -15.65 9.98
C ASP A 216 -27.70 -14.29 9.33
N ASN A 217 -26.73 -13.78 8.58
CA ASN A 217 -26.85 -12.48 7.93
C ASN A 217 -27.15 -12.60 6.43
N SER A 218 -27.70 -13.74 6.00
CA SER A 218 -28.05 -14.00 4.59
C SER A 218 -26.87 -13.79 3.64
N ASP A 219 -25.66 -14.17 4.09
CA ASP A 219 -24.48 -14.19 3.23
C ASP A 219 -24.19 -15.65 2.92
N LEU A 220 -24.64 -16.11 1.75
CA LEU A 220 -24.46 -17.50 1.34
C LEU A 220 -23.33 -17.66 0.33
N SER A 221 -22.45 -16.66 0.22
CA SER A 221 -21.46 -16.61 -0.84
C SER A 221 -20.23 -17.47 -0.57
N ALA A 222 -20.04 -17.95 0.64
CA ALA A 222 -18.80 -18.66 0.96
C ALA A 222 -18.91 -20.18 0.72
N PRO B 9 -19.79 29.58 -11.90
CA PRO B 9 -21.20 29.97 -12.06
C PRO B 9 -22.00 28.92 -12.83
N MET B 10 -22.13 27.72 -12.25
CA MET B 10 -22.64 26.52 -12.92
C MET B 10 -21.78 26.13 -14.12
N SER B 11 -20.50 26.44 -14.07
CA SER B 11 -19.55 25.98 -15.06
C SER B 11 -18.56 25.02 -14.42
N ASP B 12 -17.83 24.29 -15.27
CA ASP B 12 -16.91 23.25 -14.83
C ASP B 12 -15.64 23.89 -14.25
N LYS B 13 -15.33 23.57 -12.99
CA LYS B 13 -14.14 24.12 -12.35
C LYS B 13 -12.91 23.23 -12.51
N ILE B 14 -13.06 22.05 -13.12
CA ILE B 14 -11.95 21.08 -13.25
C ILE B 14 -11.11 21.39 -14.47
N ILE B 15 -9.79 21.31 -14.34
CA ILE B 15 -8.89 21.43 -15.48
C ILE B 15 -8.80 20.08 -16.19
N HIS B 16 -9.06 20.05 -17.49
CA HIS B 16 -8.93 18.83 -18.29
CA HIS B 16 -8.92 18.83 -18.26
C HIS B 16 -7.54 18.87 -18.94
N LEU B 17 -6.61 18.09 -18.40
CA LEU B 17 -5.22 18.10 -18.80
C LEU B 17 -4.96 17.28 -20.05
N THR B 18 -3.86 17.61 -20.72
CA THR B 18 -3.25 16.75 -21.74
C THR B 18 -1.76 16.63 -21.41
N ASP B 19 -1.08 15.71 -22.10
CA ASP B 19 0.37 15.62 -21.92
C ASP B 19 1.03 16.96 -22.24
N ASP B 20 0.58 17.64 -23.30
CA ASP B 20 1.18 18.91 -23.69
C ASP B 20 0.89 20.03 -22.70
N SER B 21 -0.24 19.98 -22.01
CA SER B 21 -0.60 21.08 -21.11
C SER B 21 -0.16 20.86 -19.67
N PHE B 22 0.38 19.68 -19.35
CA PHE B 22 0.58 19.32 -17.95
C PHE B 22 1.55 20.28 -17.26
N ASP B 23 2.64 20.64 -17.94
CA ASP B 23 3.62 21.49 -17.27
C ASP B 23 3.01 22.84 -16.88
N THR B 24 2.32 23.48 -17.83
CA THR B 24 1.75 24.80 -17.53
C THR B 24 0.57 24.70 -16.58
N ASP B 25 -0.30 23.70 -16.78
CA ASP B 25 -1.52 23.63 -15.99
C ASP B 25 -1.26 23.17 -14.57
N VAL B 26 -0.27 22.31 -14.36
CA VAL B 26 0.01 21.71 -13.06
C VAL B 26 1.27 22.28 -12.45
N LEU B 27 2.41 22.14 -13.16
CA LEU B 27 3.69 22.45 -12.53
C LEU B 27 3.87 23.94 -12.33
N LYS B 28 3.26 24.77 -13.18
CA LYS B 28 3.40 26.22 -13.06
C LYS B 28 2.15 26.88 -12.50
N ALA B 29 1.26 26.10 -11.90
CA ALA B 29 0.03 26.64 -11.34
C ALA B 29 0.32 27.44 -10.07
N ASP B 30 -0.64 28.30 -9.70
CA ASP B 30 -0.40 29.17 -8.54
C ASP B 30 -0.71 28.51 -7.21
N GLY B 31 -1.90 27.94 -7.06
CA GLY B 31 -2.29 27.26 -5.84
C GLY B 31 -2.07 25.74 -5.94
N ALA B 32 -2.54 25.07 -4.89
CA ALA B 32 -2.47 23.62 -4.85
C ALA B 32 -3.35 23.04 -5.95
N ILE B 33 -2.86 21.96 -6.57
CA ILE B 33 -3.55 21.27 -7.66
C ILE B 33 -3.66 19.79 -7.33
N LEU B 34 -4.88 19.26 -7.33
CA LEU B 34 -5.11 17.83 -7.14
C LEU B 34 -5.31 17.19 -8.52
N VAL B 35 -4.39 16.31 -8.91
CA VAL B 35 -4.40 15.68 -10.23
C VAL B 35 -4.92 14.24 -10.11
N ASP B 36 -5.90 13.90 -10.94
CA ASP B 36 -6.51 12.57 -11.00
C ASP B 36 -6.11 11.89 -12.32
N PHE B 37 -5.34 10.80 -12.23
CA PHE B 37 -5.01 9.99 -13.40
C PHE B 37 -6.10 8.93 -13.58
N TRP B 38 -6.79 8.92 -14.73
CA TRP B 38 -8.00 8.10 -14.81
C TRP B 38 -8.15 7.53 -16.22
N ALA B 39 -9.20 6.70 -16.40
CA ALA B 39 -9.55 6.21 -17.71
C ALA B 39 -11.03 5.88 -17.72
N GLU B 40 -11.62 5.88 -18.92
CA GLU B 40 -13.08 5.76 -19.04
C GLU B 40 -13.59 4.40 -18.60
N TRP B 41 -12.81 3.33 -18.81
CA TRP B 41 -13.23 1.98 -18.46
C TRP B 41 -13.00 1.67 -16.98
N CYS B 42 -12.45 2.61 -16.22
CA CYS B 42 -12.01 2.36 -14.85
C CYS B 42 -13.17 2.59 -13.88
N GLY B 43 -13.63 1.51 -13.25
CA GLY B 43 -14.74 1.55 -12.32
C GLY B 43 -14.55 2.53 -11.17
N PRO B 44 -13.49 2.35 -10.39
CA PRO B 44 -13.26 3.28 -9.27
C PRO B 44 -12.99 4.71 -9.71
N CYS B 45 -12.49 4.92 -10.92
CA CYS B 45 -12.36 6.29 -11.40
C CYS B 45 -13.74 6.92 -11.61
N LYS B 46 -14.69 6.15 -12.15
CA LYS B 46 -16.05 6.65 -12.32
C LYS B 46 -16.69 6.95 -10.97
N MET B 47 -16.39 6.14 -9.96
CA MET B 47 -17.00 6.33 -8.65
C MET B 47 -16.51 7.62 -8.00
N ILE B 48 -15.25 8.00 -8.20
CA ILE B 48 -14.78 9.23 -7.57
C ILE B 48 -14.99 10.47 -8.43
N ALA B 49 -15.36 10.32 -9.70
CA ALA B 49 -15.55 11.49 -10.56
C ALA B 49 -16.55 12.48 -9.97
N PRO B 50 -17.73 12.08 -9.49
CA PRO B 50 -18.62 13.10 -8.89
C PRO B 50 -18.08 13.66 -7.58
N ILE B 51 -17.29 12.89 -6.83
CA ILE B 51 -16.68 13.44 -5.62
C ILE B 51 -15.74 14.57 -5.99
N LEU B 52 -14.92 14.37 -7.02
CA LEU B 52 -13.99 15.41 -7.44
C LEU B 52 -14.74 16.64 -7.96
N ASP B 53 -15.90 16.44 -8.58
CA ASP B 53 -16.73 17.58 -8.98
C ASP B 53 -17.12 18.42 -7.77
N GLU B 54 -17.53 17.75 -6.68
CA GLU B 54 -17.94 18.46 -5.49
C GLU B 54 -16.76 19.13 -4.81
N ILE B 55 -15.63 18.43 -4.74
CA ILE B 55 -14.41 19.02 -4.18
C ILE B 55 -14.02 20.26 -4.97
N ALA B 56 -14.11 20.18 -6.30
CA ALA B 56 -13.72 21.32 -7.12
C ALA B 56 -14.57 22.54 -6.81
N ASP B 57 -15.88 22.33 -6.58
CA ASP B 57 -16.74 23.46 -6.27
C ASP B 57 -16.56 23.91 -4.82
N GLU B 58 -16.47 22.96 -3.90
CA GLU B 58 -16.37 23.34 -2.49
C GLU B 58 -15.04 24.00 -2.15
N TYR B 59 -13.96 23.65 -2.84
CA TYR B 59 -12.63 24.13 -2.48
C TYR B 59 -12.14 25.25 -3.38
N GLN B 60 -13.03 25.91 -4.11
CA GLN B 60 -12.66 27.09 -4.88
C GLN B 60 -11.87 28.05 -3.98
N GLY B 61 -10.78 28.60 -4.51
CA GLY B 61 -9.90 29.50 -3.78
C GLY B 61 -8.82 28.83 -2.95
N LYS B 62 -8.88 27.53 -2.83
CA LYS B 62 -7.84 26.81 -2.06
C LYS B 62 -7.29 25.65 -2.89
N LEU B 63 -8.01 25.18 -3.92
CA LEU B 63 -7.57 24.01 -4.62
C LEU B 63 -8.20 23.99 -6.00
N THR B 64 -7.42 23.53 -6.96
CA THR B 64 -7.90 23.25 -8.29
C THR B 64 -7.79 21.76 -8.51
N VAL B 65 -8.85 21.16 -9.07
CA VAL B 65 -8.86 19.74 -9.41
C VAL B 65 -8.56 19.64 -10.90
N ALA B 66 -7.69 18.70 -11.27
CA ALA B 66 -7.31 18.49 -12.67
C ALA B 66 -7.32 16.99 -12.96
N LYS B 67 -7.66 16.62 -14.20
CA LYS B 67 -7.77 15.22 -14.57
C LYS B 67 -6.99 14.97 -15.84
N LEU B 68 -6.24 13.86 -15.86
CA LEU B 68 -5.48 13.42 -17.02
C LEU B 68 -5.91 12.00 -17.36
N ASN B 69 -6.55 11.85 -18.52
CA ASN B 69 -6.91 10.53 -19.02
C ASN B 69 -5.66 9.83 -19.59
N ILE B 70 -5.27 8.70 -18.99
CA ILE B 70 -3.99 8.08 -19.38
C ILE B 70 -4.06 7.28 -20.68
N ASP B 71 -5.26 6.98 -21.19
CA ASP B 71 -5.34 6.39 -22.54
C ASP B 71 -5.11 7.46 -23.61
N GLN B 72 -5.76 8.62 -23.47
CA GLN B 72 -5.63 9.68 -24.45
C GLN B 72 -4.33 10.44 -24.30
N ASN B 73 -3.70 10.38 -23.14
CA ASN B 73 -2.46 11.09 -22.84
C ASN B 73 -1.50 10.15 -22.13
N PRO B 74 -0.82 9.27 -22.85
CA PRO B 74 -0.05 8.19 -22.23
C PRO B 74 1.35 8.56 -21.76
N GLY B 75 1.81 9.80 -22.01
CA GLY B 75 3.19 10.14 -21.70
C GLY B 75 3.44 10.53 -20.26
N THR B 76 2.46 11.14 -19.60
CA THR B 76 2.75 11.79 -18.32
C THR B 76 2.82 10.79 -17.17
N ALA B 77 1.85 9.88 -17.07
CA ALA B 77 1.74 9.07 -15.85
C ALA B 77 2.98 8.21 -15.58
N PRO B 78 3.66 7.62 -16.56
CA PRO B 78 4.86 6.83 -16.24
C PRO B 78 5.98 7.66 -15.63
N LYS B 79 6.03 8.96 -15.94
CA LYS B 79 7.05 9.84 -15.36
C LYS B 79 6.84 10.08 -13.88
N TYR B 80 5.66 9.77 -13.36
CA TYR B 80 5.36 9.86 -11.93
C TYR B 80 5.21 8.49 -11.29
N GLY B 81 5.56 7.41 -12.01
CA GLY B 81 5.44 6.08 -11.42
C GLY B 81 4.02 5.65 -11.11
N ILE B 82 3.05 6.15 -11.87
CA ILE B 82 1.66 5.75 -11.71
C ILE B 82 1.55 4.29 -12.12
N ARG B 83 0.76 3.52 -11.37
CA ARG B 83 0.56 2.09 -11.65
C ARG B 83 -0.92 1.80 -11.87
N GLY B 84 -1.67 1.63 -10.78
CA GLY B 84 -3.11 1.49 -10.88
C GLY B 84 -3.80 2.85 -10.91
N ILE B 85 -5.08 2.82 -11.30
CA ILE B 85 -5.88 4.04 -11.35
C ILE B 85 -7.21 3.79 -10.64
N PRO B 86 -7.87 4.83 -10.06
CA PRO B 86 -7.37 6.21 -10.03
C PRO B 86 -6.15 6.35 -9.12
N THR B 87 -5.26 7.29 -9.45
CA THR B 87 -4.22 7.74 -8.53
C THR B 87 -4.33 9.25 -8.45
N LEU B 88 -4.27 9.79 -7.23
CA LEU B 88 -4.32 11.22 -6.99
C LEU B 88 -2.93 11.70 -6.56
N LEU B 89 -2.44 12.75 -7.21
CA LEU B 89 -1.22 13.44 -6.80
C LEU B 89 -1.58 14.88 -6.45
N LEU B 90 -1.16 15.34 -5.26
CA LEU B 90 -1.35 16.73 -4.85
C LEU B 90 -0.05 17.50 -5.07
N PHE B 91 -0.12 18.51 -5.92
CA PHE B 91 1.02 19.37 -6.25
C PHE B 91 0.87 20.72 -5.56
N LYS B 92 1.99 21.30 -5.17
CA LYS B 92 1.97 22.71 -4.77
C LYS B 92 3.29 23.31 -5.21
N ASN B 93 3.20 24.40 -5.98
CA ASN B 93 4.38 25.10 -6.51
C ASN B 93 5.36 24.13 -7.17
N GLY B 94 4.83 23.20 -7.97
CA GLY B 94 5.65 22.30 -8.74
C GLY B 94 6.23 21.14 -7.95
N GLU B 95 5.96 21.05 -6.65
CA GLU B 95 6.40 19.94 -5.83
C GLU B 95 5.25 18.97 -5.61
N VAL B 96 5.55 17.68 -5.54
CA VAL B 96 4.54 16.67 -5.21
C VAL B 96 4.39 16.63 -3.69
N ALA B 97 3.24 17.09 -3.20
CA ALA B 97 3.01 17.17 -1.76
C ALA B 97 2.50 15.87 -1.15
N ALA B 98 1.72 15.09 -1.89
CA ALA B 98 1.14 13.86 -1.33
C ALA B 98 0.59 13.03 -2.49
N THR B 99 0.46 11.72 -2.25
CA THR B 99 -0.11 10.81 -3.24
C THR B 99 -1.12 9.92 -2.55
N LYS B 100 -2.10 9.48 -3.32
CA LYS B 100 -3.12 8.57 -2.83
C LYS B 100 -3.55 7.68 -3.98
N VAL B 101 -3.43 6.40 -3.76
CA VAL B 101 -3.67 5.39 -4.76
C VAL B 101 -5.04 4.76 -4.49
N GLY B 102 -5.89 4.70 -5.52
CA GLY B 102 -7.18 4.04 -5.40
C GLY B 102 -8.29 4.97 -4.93
N ALA B 103 -9.51 4.46 -5.02
CA ALA B 103 -10.69 5.24 -4.63
C ALA B 103 -10.78 5.40 -3.12
N LEU B 104 -11.56 6.39 -2.71
CA LEU B 104 -11.76 6.73 -1.30
C LEU B 104 -13.06 7.52 -1.20
N SER B 105 -13.58 7.62 0.02
CA SER B 105 -14.79 8.37 0.28
C SER B 105 -14.56 9.88 0.19
N LYS B 106 -15.67 10.63 0.00
CA LYS B 106 -15.57 12.08 0.04
C LYS B 106 -15.04 12.56 1.38
N GLY B 107 -15.47 11.91 2.47
CA GLY B 107 -14.98 12.27 3.79
C GLY B 107 -13.50 12.00 3.96
N GLN B 108 -13.02 10.86 3.43
CA GLN B 108 -11.59 10.59 3.48
C GLN B 108 -10.81 11.61 2.66
N LEU B 109 -11.32 11.96 1.47
CA LEU B 109 -10.62 12.96 0.66
C LEU B 109 -10.57 14.29 1.39
N LYS B 110 -11.66 14.64 2.08
CA LYS B 110 -11.73 15.90 2.81
C LYS B 110 -10.75 15.94 3.99
N GLU B 111 -10.42 14.81 4.65
CA GLU B 111 -9.35 14.90 5.64
C GLU B 111 -8.00 15.00 4.95
N PHE B 112 -7.84 14.29 3.83
CA PHE B 112 -6.62 14.33 3.04
C PHE B 112 -6.31 15.76 2.63
N LEU B 113 -7.35 16.51 2.22
CA LEU B 113 -7.16 17.91 1.82
C LEU B 113 -7.17 18.89 2.99
N ASP B 114 -8.14 18.76 3.90
CA ASP B 114 -8.26 19.71 5.01
C ASP B 114 -7.03 19.67 5.91
N ALA B 115 -6.52 18.47 6.19
CA ALA B 115 -5.36 18.30 7.04
C ALA B 115 -4.04 18.62 6.35
N ASN B 116 -4.04 18.81 5.04
CA ASN B 116 -2.82 18.98 4.27
C ASN B 116 -2.73 20.33 3.58
N LEU B 117 -3.81 21.04 3.42
CA LEU B 117 -3.72 22.35 2.79
C LEU B 117 -3.54 23.48 3.80
N ALA B 118 -3.66 23.19 5.10
CA ALA B 118 -3.56 24.21 6.12
C ALA B 118 -2.09 24.52 6.39
N GLY B 119 -1.75 25.81 6.51
CA GLY B 119 -0.38 26.22 6.74
C GLY B 119 -0.07 26.29 8.23
N SER B 120 0.11 27.49 8.76
CA SER B 120 0.41 27.70 10.15
C SER B 120 -0.81 28.38 10.76
N ALA B 121 -1.14 28.03 11.99
CA ALA B 121 -2.30 28.60 12.66
C ALA B 121 -2.00 29.94 13.32
N MET B 122 -0.81 30.48 13.09
CA MET B 122 -0.27 31.56 13.91
C MET B 122 0.87 32.25 13.19
N GLU B 123 0.92 33.59 13.27
CA GLU B 123 2.04 34.34 12.74
C GLU B 123 3.25 34.12 13.64
N SER B 124 4.36 33.69 13.05
CA SER B 124 5.48 33.18 13.83
C SER B 124 6.37 34.31 14.34
N THR B 125 7.05 34.06 15.47
CA THR B 125 8.09 34.97 15.91
C THR B 125 9.41 34.79 15.15
N VAL B 126 9.52 33.75 14.32
CA VAL B 126 10.80 33.38 13.71
C VAL B 126 10.84 33.85 12.27
N MET B 127 11.90 34.56 11.90
CA MET B 127 12.19 34.95 10.54
C MET B 127 13.35 34.10 10.03
N VAL B 128 13.30 33.69 8.76
CA VAL B 128 14.44 33.03 8.15
C VAL B 128 14.92 33.90 7.00
N LEU B 129 16.24 34.11 6.94
CA LEU B 129 16.87 34.88 5.88
C LEU B 129 17.58 33.90 4.96
N ARG B 130 17.15 33.84 3.71
CA ARG B 130 17.71 32.93 2.73
C ARG B 130 18.50 33.72 1.68
N ASN B 131 19.48 33.03 1.10
CA ASN B 131 20.34 33.61 0.05
C ASN B 131 21.14 34.80 0.55
N MET B 132 21.41 34.86 1.84
CA MET B 132 22.07 36.05 2.35
C MET B 132 23.58 35.96 2.34
N VAL B 133 24.15 34.78 2.64
CA VAL B 133 25.60 34.62 2.70
C VAL B 133 25.97 33.22 2.21
N ASP B 134 27.21 33.09 1.73
CA ASP B 134 27.84 31.82 1.40
C ASP B 134 28.54 31.24 2.61
N PRO B 135 28.67 29.91 2.68
CA PRO B 135 29.36 29.30 3.83
C PRO B 135 30.78 29.80 4.03
N LYS B 136 31.51 30.06 2.94
CA LYS B 136 32.87 30.57 3.07
C LYS B 136 32.93 31.90 3.81
N ASP B 137 31.89 32.72 3.71
CA ASP B 137 31.90 34.03 4.36
C ASP B 137 31.53 34.00 5.83
N ILE B 138 31.08 32.85 6.37
CA ILE B 138 30.74 32.80 7.79
C ILE B 138 31.99 33.00 8.62
N ASP B 139 31.91 33.86 9.63
CA ASP B 139 32.97 33.98 10.61
C ASP B 139 32.36 34.16 11.99
N ASP B 140 33.21 34.45 12.96
CA ASP B 140 32.79 34.49 14.35
C ASP B 140 31.98 35.76 14.69
N ASP B 141 32.01 36.76 13.82
CA ASP B 141 31.25 37.99 14.06
C ASP B 141 29.86 37.98 13.45
N LEU B 142 29.55 37.01 12.59
CA LEU B 142 28.32 37.08 11.81
C LEU B 142 27.09 37.06 12.70
N GLU B 143 27.07 36.18 13.69
CA GLU B 143 25.89 36.07 14.55
C GLU B 143 25.62 37.38 15.28
N GLY B 144 26.67 38.02 15.80
CA GLY B 144 26.49 39.30 16.47
C GLY B 144 26.10 40.42 15.53
N GLU B 145 26.63 40.40 14.31
CA GLU B 145 26.25 41.44 13.34
C GLU B 145 24.77 41.35 13.00
N VAL B 146 24.28 40.13 12.75
CA VAL B 146 22.85 39.92 12.49
C VAL B 146 22.02 40.34 13.69
N THR B 147 22.47 39.97 14.90
CA THR B 147 21.74 40.32 16.11
C THR B 147 21.62 41.84 16.25
N GLU B 148 22.72 42.55 15.99
CA GLU B 148 22.68 44.01 16.13
C GLU B 148 21.81 44.63 15.04
N GLU B 149 21.86 44.10 13.82
CA GLU B 149 21.06 44.70 12.76
C GLU B 149 19.57 44.44 12.98
N CYS B 150 19.22 43.24 13.41
CA CYS B 150 17.80 42.97 13.56
C CYS B 150 17.23 43.50 14.87
N GLY B 151 18.09 43.88 15.82
CA GLY B 151 17.64 44.57 17.00
C GLY B 151 16.98 45.92 16.73
N LYS B 152 17.21 46.49 15.54
CA LYS B 152 16.54 47.72 15.14
C LYS B 152 15.04 47.52 14.96
N PHE B 153 14.60 46.28 14.75
CA PHE B 153 13.19 45.98 14.51
C PHE B 153 12.43 45.55 15.75
N GLY B 154 13.14 45.11 16.78
CA GLY B 154 12.52 44.61 17.99
C GLY B 154 13.52 43.76 18.74
N ALA B 155 13.06 43.13 19.81
CA ALA B 155 13.97 42.37 20.66
C ALA B 155 14.32 41.02 20.03
N VAL B 156 15.62 40.75 19.88
CA VAL B 156 16.09 39.51 19.25
C VAL B 156 16.36 38.48 20.33
N ASN B 157 15.64 37.34 20.27
CA ASN B 157 15.83 36.26 21.25
C ASN B 157 17.07 35.43 20.93
N ARG B 158 17.22 35.02 19.67
CA ARG B 158 18.27 34.07 19.29
C ARG B 158 18.45 34.16 17.79
N VAL B 159 19.69 33.94 17.35
CA VAL B 159 20.06 33.91 15.94
C VAL B 159 20.80 32.60 15.68
N ILE B 160 20.37 31.86 14.68
CA ILE B 160 21.04 30.60 14.31
C ILE B 160 21.60 30.76 12.90
N ILE B 161 22.90 30.52 12.76
CA ILE B 161 23.56 30.45 11.46
C ILE B 161 23.56 28.98 11.08
N TYR B 162 22.64 28.58 10.20
CA TYR B 162 22.40 27.17 9.89
C TYR B 162 22.94 26.85 8.50
N GLN B 163 23.78 25.82 8.42
CA GLN B 163 24.34 25.38 7.14
C GLN B 163 23.67 24.07 6.73
N GLU B 164 23.18 24.01 5.49
CA GLU B 164 22.38 22.87 5.05
C GLU B 164 22.93 22.32 3.73
N LYS B 165 23.19 21.02 3.71
CA LYS B 165 23.68 20.34 2.52
C LYS B 165 22.53 20.06 1.55
N GLN B 166 22.72 20.44 0.29
CA GLN B 166 21.67 20.40 -0.73
C GLN B 166 21.76 19.15 -1.58
N GLY B 167 21.82 17.99 -0.97
CA GLY B 167 21.91 16.75 -1.70
C GLY B 167 22.77 15.78 -0.92
N GLU B 168 22.64 14.50 -1.27
CA GLU B 168 23.37 13.46 -0.57
C GLU B 168 24.75 13.22 -1.15
N GLU B 169 24.98 13.69 -2.38
CA GLU B 169 26.27 13.49 -3.10
C GLU B 169 27.44 14.19 -2.41
N GLU B 170 28.65 13.70 -2.65
CA GLU B 170 29.90 14.14 -1.99
C GLU B 170 30.14 15.66 -2.06
N ASP B 171 30.07 16.30 -3.21
CA ASP B 171 30.37 17.75 -3.17
C ASP B 171 29.07 18.54 -3.24
N ALA B 172 28.02 18.10 -2.59
CA ALA B 172 26.75 18.82 -2.74
C ALA B 172 26.87 20.23 -2.14
N GLU B 173 26.24 21.19 -2.78
CA GLU B 173 26.22 22.60 -2.37
C GLU B 173 25.68 22.73 -0.94
N ILE B 174 26.34 23.57 -0.15
CA ILE B 174 25.92 23.96 1.19
C ILE B 174 25.40 25.38 1.10
N ILE B 175 24.21 25.61 1.64
CA ILE B 175 23.63 26.94 1.68
C ILE B 175 23.49 27.35 3.14
N VAL B 176 23.31 28.64 3.36
CA VAL B 176 23.17 29.17 4.71
C VAL B 176 21.77 29.70 4.87
N LYS B 177 21.11 29.29 5.95
CA LYS B 177 19.88 29.88 6.42
C LYS B 177 20.17 30.58 7.74
N ILE B 178 19.77 31.84 7.85
CA ILE B 178 19.96 32.58 9.08
C ILE B 178 18.59 32.74 9.74
N PHE B 179 18.42 32.09 10.88
CA PHE B 179 17.17 32.16 11.63
C PHE B 179 17.29 33.26 12.67
N VAL B 180 16.28 34.12 12.75
CA VAL B 180 16.22 35.21 13.73
C VAL B 180 14.88 35.10 14.46
N GLU B 181 14.92 34.73 15.73
CA GLU B 181 13.72 34.64 16.55
C GLU B 181 13.56 35.92 17.36
N PHE B 182 12.42 36.61 17.21
CA PHE B 182 12.12 37.81 17.97
C PHE B 182 11.24 37.48 19.17
N SER B 183 11.05 38.48 20.05
CA SER B 183 10.29 38.19 21.27
C SER B 183 8.80 38.05 20.98
N ILE B 184 8.28 38.76 19.97
CA ILE B 184 6.86 38.72 19.66
C ILE B 184 6.67 38.98 18.16
N ALA B 185 5.57 38.44 17.62
CA ALA B 185 5.40 38.30 16.17
C ALA B 185 5.32 39.64 15.45
N SER B 186 4.90 40.71 16.14
CA SER B 186 4.86 42.03 15.53
C SER B 186 6.26 42.51 15.13
N GLU B 187 7.27 42.15 15.92
CA GLU B 187 8.65 42.52 15.59
C GLU B 187 9.13 41.75 14.36
N THR B 188 8.86 40.44 14.33
CA THR B 188 9.19 39.62 13.18
C THR B 188 8.59 40.19 11.90
N HIS B 189 7.34 40.65 11.99
CA HIS B 189 6.68 41.19 10.81
C HIS B 189 7.36 42.44 10.29
N LYS B 190 7.76 43.36 11.18
CA LYS B 190 8.48 44.55 10.75
C LYS B 190 9.78 44.17 10.06
N ALA B 191 10.52 43.23 10.65
CA ALA B 191 11.81 42.83 10.09
C ALA B 191 11.64 42.23 8.70
N ILE B 192 10.65 41.34 8.55
CA ILE B 192 10.43 40.69 7.26
C ILE B 192 10.08 41.71 6.19
N GLN B 193 9.15 42.63 6.52
CA GLN B 193 8.76 43.65 5.54
C GLN B 193 9.94 44.54 5.17
N ALA B 194 10.82 44.82 6.12
CA ALA B 194 11.95 45.69 5.84
C ALA B 194 13.05 44.97 5.07
N LEU B 195 13.24 43.67 5.32
CA LEU B 195 14.40 42.98 4.75
C LEU B 195 14.08 42.16 3.50
N ASN B 196 12.85 41.68 3.36
CA ASN B 196 12.53 40.82 2.22
C ASN B 196 12.74 41.57 0.92
N GLY B 197 13.53 41.00 0.02
CA GLY B 197 13.82 41.63 -1.25
C GLY B 197 14.93 42.63 -1.23
N ARG B 198 15.51 42.93 -0.07
CA ARG B 198 16.63 43.86 0.00
C ARG B 198 17.89 43.20 -0.53
N TRP B 199 18.79 44.03 -1.06
CA TRP B 199 20.08 43.55 -1.56
C TRP B 199 21.13 43.69 -0.47
N PHE B 200 21.90 42.63 -0.25
CA PHE B 200 22.93 42.63 0.78
C PHE B 200 24.18 42.00 0.16
N ALA B 201 25.22 42.80 -0.01
CA ALA B 201 26.50 42.33 -0.56
C ALA B 201 26.29 41.59 -1.88
N GLY B 202 25.50 42.18 -2.76
CA GLY B 202 25.32 41.65 -4.09
C GLY B 202 24.33 40.51 -4.21
N ARG B 203 23.54 40.23 -3.18
CA ARG B 203 22.60 39.13 -3.19
C ARG B 203 21.22 39.63 -2.80
N LYS B 204 20.18 39.12 -3.47
CA LYS B 204 18.81 39.50 -3.15
C LYS B 204 18.30 38.58 -2.05
N VAL B 205 18.07 39.14 -0.88
CA VAL B 205 17.73 38.34 0.29
C VAL B 205 16.24 38.05 0.28
N VAL B 206 15.89 36.83 0.67
CA VAL B 206 14.50 36.46 0.96
C VAL B 206 14.32 36.42 2.46
N ALA B 207 13.36 37.17 2.98
CA ALA B 207 13.03 37.15 4.40
C ALA B 207 11.56 36.75 4.54
N GLU B 208 11.29 35.71 5.34
CA GLU B 208 9.93 35.20 5.46
C GLU B 208 9.72 34.56 6.84
N VAL B 209 8.44 34.36 7.20
CA VAL B 209 8.16 33.65 8.44
C VAL B 209 8.61 32.20 8.31
N TYR B 210 8.99 31.62 9.44
CA TYR B 210 9.37 30.22 9.50
C TYR B 210 8.53 29.60 10.59
N ASP B 211 7.93 28.43 10.30
CA ASP B 211 6.99 27.81 11.22
C ASP B 211 7.56 27.76 12.63
N GLN B 212 6.84 28.39 13.57
CA GLN B 212 7.37 28.52 14.92
C GLN B 212 7.47 27.16 15.60
N GLU B 213 6.49 26.28 15.39
CA GLU B 213 6.53 24.97 16.03
C GLU B 213 7.73 24.16 15.57
N ARG B 214 8.01 24.16 14.26
CA ARG B 214 9.23 23.52 13.75
C ARG B 214 10.48 24.06 14.45
N PHE B 215 10.61 25.39 14.48
CA PHE B 215 11.79 26.01 15.08
C PHE B 215 11.91 25.64 16.55
N ASP B 216 10.79 25.71 17.28
CA ASP B 216 10.78 25.35 18.69
C ASP B 216 11.21 23.91 18.90
N ASN B 217 11.00 23.05 17.90
CA ASN B 217 11.37 21.65 17.98
C ASN B 217 12.66 21.33 17.23
N SER B 218 13.49 22.34 17.02
CA SER B 218 14.82 22.18 16.39
C SER B 218 14.73 21.53 15.02
N ASP B 219 13.69 21.85 14.26
CA ASP B 219 13.59 21.39 12.87
C ASP B 219 13.85 22.60 11.99
N LEU B 220 15.08 22.71 11.51
CA LEU B 220 15.48 23.85 10.69
C LEU B 220 15.51 23.53 9.20
N SER B 221 14.86 22.44 8.79
CA SER B 221 15.00 21.91 7.43
C SER B 221 14.11 22.59 6.39
N ALA B 222 13.12 23.37 6.81
CA ALA B 222 12.17 23.92 5.86
C ALA B 222 12.63 25.29 5.36
N ILE C 14 29.18 2.70 20.17
CA ILE C 14 28.70 4.10 20.10
C ILE C 14 29.88 5.06 19.96
N ILE C 15 29.75 6.02 19.04
CA ILE C 15 30.79 7.02 18.82
C ILE C 15 30.69 8.12 19.85
N HIS C 16 31.81 8.45 20.47
CA HIS C 16 31.88 9.55 21.43
C HIS C 16 32.38 10.80 20.69
N LEU C 17 31.48 11.75 20.44
CA LEU C 17 31.80 12.91 19.61
C LEU C 17 32.46 14.02 20.44
N THR C 18 33.22 14.86 19.74
CA THR C 18 33.66 16.15 20.23
C THR C 18 33.30 17.19 19.19
N ASP C 19 33.39 18.47 19.59
CA ASP C 19 33.17 19.54 18.63
C ASP C 19 34.11 19.42 17.44
N ASP C 20 35.37 19.06 17.71
CA ASP C 20 36.37 18.98 16.64
C ASP C 20 36.15 17.78 15.71
N SER C 21 35.60 16.68 16.23
CA SER C 21 35.44 15.48 15.42
C SER C 21 34.09 15.40 14.72
N PHE C 22 33.17 16.32 15.03
CA PHE C 22 31.79 16.19 14.58
C PHE C 22 31.70 16.14 13.06
N ASP C 23 32.50 16.95 12.36
CA ASP C 23 32.40 17.00 10.90
C ASP C 23 32.76 15.66 10.27
N THR C 24 33.90 15.08 10.65
CA THR C 24 34.28 13.82 10.02
C THR C 24 33.46 12.65 10.56
N ASP C 25 33.12 12.66 11.84
CA ASP C 25 32.40 11.53 12.42
C ASP C 25 30.94 11.47 11.98
N VAL C 26 30.32 12.62 11.77
CA VAL C 26 28.88 12.68 11.49
C VAL C 26 28.60 13.08 10.07
N LEU C 27 29.04 14.28 9.72
CA LEU C 27 28.71 14.85 8.40
C LEU C 27 29.38 14.09 7.26
N LYS C 28 30.50 13.42 7.52
CA LYS C 28 31.20 12.78 6.38
C LYS C 28 31.16 11.27 6.52
N ALA C 29 30.33 10.79 7.44
CA ALA C 29 30.24 9.36 7.74
C ALA C 29 29.65 8.56 6.59
N ASP C 30 30.05 7.29 6.54
CA ASP C 30 29.32 6.42 5.63
C ASP C 30 28.11 5.92 6.41
N GLY C 31 26.97 5.89 5.74
CA GLY C 31 25.76 5.41 6.37
C GLY C 31 25.16 6.39 7.37
N ALA C 32 23.98 6.04 7.86
CA ALA C 32 23.23 6.88 8.78
C ALA C 32 23.88 6.96 10.17
N ILE C 33 23.81 8.14 10.76
CA ILE C 33 24.32 8.42 12.10
C ILE C 33 23.19 9.03 12.92
N LEU C 34 22.90 8.42 14.07
CA LEU C 34 21.94 8.97 15.02
C LEU C 34 22.72 9.68 16.12
N VAL C 35 22.58 11.00 16.22
CA VAL C 35 23.35 11.80 17.15
C VAL C 35 22.48 12.17 18.35
N ASP C 36 23.01 11.95 19.56
CA ASP C 36 22.33 12.26 20.81
C ASP C 36 23.03 13.42 21.51
N PHE C 37 22.34 14.57 21.60
CA PHE C 37 22.83 15.73 22.34
C PHE C 37 22.40 15.60 23.80
N TRP C 38 23.35 15.52 24.72
CA TRP C 38 23.02 15.10 26.08
C TRP C 38 23.93 15.78 27.10
N ALA C 39 23.62 15.55 28.38
CA ALA C 39 24.45 16.01 29.47
C ALA C 39 24.26 15.08 30.67
N GLU C 40 25.29 15.05 31.53
CA GLU C 40 25.34 14.07 32.61
C GLU C 40 24.24 14.30 33.65
N TRP C 41 23.86 15.55 33.89
CA TRP C 41 22.83 15.89 34.87
C TRP C 41 21.41 15.74 34.33
N CYS C 42 21.24 15.35 33.08
CA CYS C 42 19.94 15.39 32.40
C CYS C 42 19.19 14.07 32.63
N GLY C 43 18.07 14.14 33.37
CA GLY C 43 17.28 12.97 33.71
C GLY C 43 16.81 12.16 32.52
N PRO C 44 16.05 12.78 31.62
CA PRO C 44 15.61 12.05 30.43
C PRO C 44 16.74 11.55 29.53
N CYS C 45 17.93 12.19 29.58
CA CYS C 45 19.05 11.68 28.79
C CYS C 45 19.52 10.34 29.33
N LYS C 46 19.56 10.21 30.65
CA LYS C 46 19.86 8.93 31.27
C LYS C 46 18.80 7.88 30.93
N MET C 47 17.52 8.28 30.88
CA MET C 47 16.47 7.30 30.66
C MET C 47 16.57 6.68 29.27
N ILE C 48 17.06 7.43 28.29
CA ILE C 48 17.21 6.87 26.95
C ILE C 48 18.58 6.24 26.74
N ALA C 49 19.53 6.42 27.67
CA ALA C 49 20.86 5.86 27.48
C ALA C 49 20.87 4.36 27.25
N PRO C 50 20.19 3.53 28.05
CA PRO C 50 20.22 2.09 27.77
C PRO C 50 19.46 1.74 26.50
N ILE C 51 18.45 2.53 26.13
CA ILE C 51 17.75 2.31 24.87
C ILE C 51 18.71 2.49 23.70
N LEU C 52 19.53 3.55 23.73
CA LEU C 52 20.48 3.77 22.65
C LEU C 52 21.52 2.67 22.59
N ASP C 53 21.89 2.09 23.73
CA ASP C 53 22.78 0.94 23.73
C ASP C 53 22.17 -0.22 22.96
N GLU C 54 20.88 -0.47 23.16
CA GLU C 54 20.23 -1.56 22.45
C GLU C 54 20.09 -1.26 20.96
N ILE C 55 19.74 -0.01 20.62
CA ILE C 55 19.63 0.37 19.21
C ILE C 55 20.96 0.16 18.49
N ALA C 56 22.06 0.57 19.11
CA ALA C 56 23.37 0.44 18.49
C ALA C 56 23.68 -1.02 18.19
N ASP C 57 23.21 -1.93 19.03
CA ASP C 57 23.43 -3.35 18.82
C ASP C 57 22.50 -3.90 17.74
N GLU C 58 21.20 -3.58 17.83
N GLU C 58 21.21 -3.59 17.82
CA GLU C 58 20.23 -4.11 16.88
CA GLU C 58 20.24 -4.12 16.86
C GLU C 58 20.53 -3.65 15.45
C GLU C 58 20.54 -3.65 15.45
N TYR C 59 20.70 -2.33 15.26
CA TYR C 59 20.88 -1.75 13.95
C TYR C 59 22.33 -1.74 13.49
N GLN C 60 23.20 -2.52 14.14
CA GLN C 60 24.59 -2.64 13.74
C GLN C 60 24.73 -2.89 12.25
N GLY C 61 25.65 -2.17 11.61
CA GLY C 61 25.88 -2.28 10.18
C GLY C 61 24.95 -1.43 9.31
N LYS C 62 23.87 -0.88 9.87
CA LYS C 62 22.95 0.00 9.16
C LYS C 62 22.81 1.35 9.80
N LEU C 63 23.19 1.51 11.06
CA LEU C 63 23.05 2.77 11.76
C LEU C 63 24.14 2.79 12.83
N THR C 64 24.76 3.95 12.99
CA THR C 64 25.72 4.19 14.05
C THR C 64 25.15 5.24 14.99
N VAL C 65 25.28 4.98 16.29
CA VAL C 65 24.82 5.91 17.31
C VAL C 65 26.04 6.71 17.78
N ALA C 66 25.85 8.02 17.94
CA ALA C 66 26.93 8.89 18.38
C ALA C 66 26.38 9.82 19.45
N LYS C 67 27.23 10.23 20.38
CA LYS C 67 26.80 11.07 21.48
C LYS C 67 27.69 12.30 21.59
N LEU C 68 27.07 13.46 21.77
CA LEU C 68 27.78 14.71 22.01
C LEU C 68 27.31 15.29 23.33
N ASN C 69 28.21 15.33 24.30
CA ASN C 69 27.93 15.98 25.58
C ASN C 69 28.06 17.49 25.39
N ILE C 70 26.94 18.22 25.58
CA ILE C 70 26.94 19.66 25.27
C ILE C 70 27.59 20.51 26.34
N ASP C 71 27.85 19.98 27.54
CA ASP C 71 28.69 20.70 28.49
C ASP C 71 30.15 20.65 28.09
N GLN C 72 30.64 19.47 27.71
CA GLN C 72 32.05 19.33 27.34
C GLN C 72 32.33 19.83 25.93
N ASN C 73 31.31 19.91 25.09
CA ASN C 73 31.46 20.34 23.69
C ASN C 73 30.34 21.31 23.38
N PRO C 74 30.47 22.56 23.81
CA PRO C 74 29.35 23.51 23.75
C PRO C 74 29.16 24.16 22.39
N GLY C 75 30.03 23.88 21.41
CA GLY C 75 29.98 24.61 20.15
C GLY C 75 28.98 24.11 19.13
N THR C 76 28.71 22.81 19.13
CA THR C 76 28.00 22.21 18.00
C THR C 76 26.50 22.39 18.11
N ALA C 77 25.92 22.12 19.29
CA ALA C 77 24.47 22.08 19.40
C ALA C 77 23.79 23.39 18.99
N PRO C 78 24.30 24.58 19.32
CA PRO C 78 23.62 25.81 18.85
C PRO C 78 23.57 25.92 17.34
N LYS C 79 24.49 25.25 16.63
CA LYS C 79 24.48 25.29 15.18
C LYS C 79 23.29 24.55 14.60
N TYR C 80 22.64 23.71 15.41
CA TYR C 80 21.44 22.97 15.00
C TYR C 80 20.19 23.47 15.71
N GLY C 81 20.28 24.59 16.44
CA GLY C 81 19.09 25.07 17.15
C GLY C 81 18.62 24.17 18.27
N ILE C 82 19.54 23.43 18.90
CA ILE C 82 19.16 22.61 20.04
C ILE C 82 18.75 23.52 21.19
N ARG C 83 17.69 23.13 21.89
CA ARG C 83 17.19 23.91 23.02
C ARG C 83 17.23 23.03 24.26
N GLY C 84 16.22 22.18 24.43
CA GLY C 84 16.23 21.19 25.48
C GLY C 84 16.98 19.93 25.09
N ILE C 85 17.28 19.12 26.09
CA ILE C 85 17.95 17.84 25.87
C ILE C 85 17.19 16.75 26.61
N PRO C 86 17.23 15.49 26.15
CA PRO C 86 17.96 15.07 24.93
C PRO C 86 17.28 15.53 23.65
N THR C 87 18.07 15.79 22.62
CA THR C 87 17.56 15.94 21.28
C THR C 87 18.35 14.97 20.39
N LEU C 88 17.64 14.26 19.53
CA LEU C 88 18.22 13.30 18.61
C LEU C 88 18.12 13.84 17.20
N LEU C 89 19.24 13.83 16.48
CA LEU C 89 19.28 14.18 15.07
C LEU C 89 19.75 12.96 14.28
N LEU C 90 19.01 12.62 13.23
CA LEU C 90 19.38 11.54 12.32
C LEU C 90 20.01 12.16 11.08
N PHE C 91 21.28 11.80 10.82
CA PHE C 91 22.05 12.28 9.67
C PHE C 91 22.22 11.19 8.63
N LYS C 92 22.20 11.58 7.36
CA LYS C 92 22.56 10.68 6.26
C LYS C 92 23.22 11.48 5.15
N ASN C 93 24.43 11.05 4.77
CA ASN C 93 25.22 11.69 3.72
C ASN C 93 25.24 13.22 3.91
N GLY C 94 25.41 13.65 5.16
CA GLY C 94 25.55 15.06 5.46
C GLY C 94 24.27 15.86 5.54
N GLU C 95 23.10 15.22 5.35
CA GLU C 95 21.80 15.86 5.49
C GLU C 95 21.18 15.48 6.82
N VAL C 96 20.41 16.40 7.38
CA VAL C 96 19.59 16.10 8.56
C VAL C 96 18.30 15.48 8.05
N ALA C 97 18.14 14.17 8.28
CA ALA C 97 16.97 13.47 7.75
C ALA C 97 15.76 13.57 8.66
N ALA C 98 15.98 13.67 9.97
CA ALA C 98 14.88 13.72 10.93
C ALA C 98 15.41 14.19 12.27
N THR C 99 14.51 14.74 13.09
CA THR C 99 14.84 15.24 14.41
C THR C 99 13.81 14.73 15.42
N LYS C 100 14.23 14.60 16.67
CA LYS C 100 13.32 14.18 17.73
C LYS C 100 13.78 14.76 19.06
N VAL C 101 12.88 15.49 19.74
CA VAL C 101 13.20 16.21 20.97
C VAL C 101 12.68 15.41 22.15
N GLY C 102 13.55 15.18 23.13
CA GLY C 102 13.13 14.58 24.38
C GLY C 102 13.21 13.06 24.39
N ALA C 103 13.01 12.50 25.58
CA ALA C 103 13.06 11.07 25.78
C ALA C 103 11.86 10.39 25.12
N LEU C 104 12.00 9.10 24.88
CA LEU C 104 10.97 8.31 24.23
C LEU C 104 11.24 6.84 24.54
N SER C 105 10.22 6.01 24.35
CA SER C 105 10.34 4.59 24.57
C SER C 105 11.21 3.94 23.49
N LYS C 106 11.71 2.74 23.78
CA LYS C 106 12.45 2.01 22.77
C LYS C 106 11.58 1.73 21.56
N GLY C 107 10.30 1.43 21.79
CA GLY C 107 9.41 1.21 20.67
C GLY C 107 9.23 2.46 19.83
N GLN C 108 9.12 3.62 20.49
CA GLN C 108 9.01 4.89 19.77
C GLN C 108 10.25 5.16 18.93
N LEU C 109 11.45 4.85 19.46
CA LEU C 109 12.66 5.07 18.68
C LEU C 109 12.68 4.18 17.45
N LYS C 110 12.24 2.92 17.59
CA LYS C 110 12.22 2.02 16.45
C LYS C 110 11.23 2.48 15.39
N GLU C 111 10.13 3.11 15.80
CA GLU C 111 9.21 3.67 14.83
C GLU C 111 9.83 4.89 14.16
N PHE C 112 10.56 5.69 14.93
CA PHE C 112 11.27 6.84 14.37
C PHE C 112 12.26 6.41 13.29
N LEU C 113 12.98 5.30 13.53
CA LEU C 113 13.95 4.84 12.56
C LEU C 113 13.27 4.22 11.35
N ASP C 114 12.21 3.44 11.59
CA ASP C 114 11.50 2.81 10.48
C ASP C 114 10.96 3.86 9.51
N ALA C 115 10.46 4.99 10.04
CA ALA C 115 9.89 6.01 9.19
C ALA C 115 10.95 6.86 8.48
N ASN C 116 12.21 6.79 8.92
CA ASN C 116 13.22 7.69 8.38
C ASN C 116 14.46 7.01 7.81
N LEU C 117 14.73 5.74 8.15
CA LEU C 117 15.85 4.96 7.60
C LEU C 117 15.35 4.01 6.53
N ALA C 118 15.75 4.26 5.27
CA ALA C 118 15.25 3.45 4.17
C ALA C 118 15.88 2.06 4.26
N GLY C 119 15.04 1.04 4.11
CA GLY C 119 15.50 -0.33 4.22
C GLY C 119 15.37 -0.92 5.60
N SER C 120 14.97 -0.12 6.59
CA SER C 120 15.02 -0.58 7.96
C SER C 120 13.94 -1.62 8.25
N ALA C 121 12.74 -1.47 7.68
CA ALA C 121 11.73 -2.49 7.91
C ALA C 121 11.76 -3.59 6.86
N MET C 122 12.39 -3.35 5.72
CA MET C 122 12.38 -4.33 4.63
C MET C 122 13.40 -3.93 3.59
N GLU C 123 14.23 -4.87 3.15
CA GLU C 123 15.14 -4.60 2.04
C GLU C 123 14.34 -4.59 0.75
N SER C 124 14.41 -3.47 0.04
CA SER C 124 13.52 -3.17 -1.07
C SER C 124 14.04 -3.77 -2.39
N THR C 125 13.10 -4.00 -3.33
CA THR C 125 13.48 -4.28 -4.71
C THR C 125 13.86 -3.02 -5.48
N VAL C 126 13.65 -1.84 -4.92
CA VAL C 126 13.82 -0.59 -5.65
C VAL C 126 15.14 0.05 -5.26
N MET C 127 15.95 0.36 -6.25
CA MET C 127 17.17 1.12 -6.07
C MET C 127 16.93 2.53 -6.62
N VAL C 128 17.44 3.55 -5.93
CA VAL C 128 17.41 4.91 -6.46
C VAL C 128 18.84 5.34 -6.75
N LEU C 129 19.04 5.95 -7.92
CA LEU C 129 20.33 6.50 -8.32
C LEU C 129 20.23 8.02 -8.28
N ARG C 130 21.02 8.65 -7.41
CA ARG C 130 21.01 10.10 -7.26
C ARG C 130 22.31 10.69 -7.82
N ASN C 131 22.21 11.96 -8.28
CA ASN C 131 23.35 12.69 -8.84
C ASN C 131 23.90 12.00 -10.10
N MET C 132 23.05 11.30 -10.84
CA MET C 132 23.58 10.56 -11.97
C MET C 132 23.55 11.37 -13.26
N VAL C 133 22.52 12.18 -13.47
CA VAL C 133 22.42 13.01 -14.67
C VAL C 133 21.77 14.33 -14.30
N ASP C 134 22.03 15.26 -15.06
CA ASP C 134 21.40 16.57 -15.04
C ASP C 134 20.16 16.50 -15.93
N PRO C 135 19.11 17.27 -15.63
CA PRO C 135 17.90 17.21 -16.47
C PRO C 135 18.18 17.44 -17.94
N LYS C 136 19.12 18.33 -18.26
CA LYS C 136 19.48 18.61 -19.64
C LYS C 136 20.03 17.38 -20.37
N ASP C 137 20.66 16.45 -19.65
CA ASP C 137 21.24 15.28 -20.31
C ASP C 137 20.23 14.18 -20.62
N ILE C 138 19.01 14.28 -20.11
CA ILE C 138 18.01 13.24 -20.36
C ILE C 138 17.66 13.23 -21.85
N ASP C 139 17.59 12.03 -22.43
CA ASP C 139 16.99 11.89 -23.75
C ASP C 139 16.18 10.59 -23.75
N ASP C 140 15.65 10.24 -24.92
CA ASP C 140 14.74 9.10 -24.99
C ASP C 140 15.45 7.75 -24.93
N ASP C 141 16.78 7.72 -25.04
CA ASP C 141 17.50 6.45 -24.93
C ASP C 141 17.89 6.11 -23.51
N LEU C 142 17.83 7.08 -22.60
CA LEU C 142 18.40 6.89 -21.26
C LEU C 142 17.71 5.77 -20.50
N GLU C 143 16.38 5.71 -20.56
CA GLU C 143 15.67 4.69 -19.79
C GLU C 143 16.08 3.28 -20.20
N GLY C 144 16.14 3.03 -21.51
CA GLY C 144 16.57 1.73 -22.00
C GLY C 144 18.03 1.42 -21.74
N GLU C 145 18.90 2.43 -21.80
CA GLU C 145 20.32 2.20 -21.48
C GLU C 145 20.47 1.78 -20.03
N VAL C 146 19.80 2.49 -19.11
CA VAL C 146 19.84 2.10 -17.71
C VAL C 146 19.31 0.69 -17.52
N THR C 147 18.23 0.36 -18.21
CA THR C 147 17.63 -1.00 -18.12
C THR C 147 18.66 -2.06 -18.55
N GLU C 148 19.30 -1.83 -19.67
CA GLU C 148 20.29 -2.77 -20.21
C GLU C 148 21.47 -2.89 -19.25
N GLU C 149 22.04 -1.78 -18.83
CA GLU C 149 23.21 -1.86 -17.93
C GLU C 149 22.81 -2.50 -16.60
N CYS C 150 21.65 -2.15 -16.06
CA CYS C 150 21.37 -2.74 -14.76
C CYS C 150 20.81 -4.15 -14.86
N GLY C 151 20.39 -4.60 -16.05
CA GLY C 151 20.05 -6.00 -16.26
C GLY C 151 21.21 -6.96 -16.03
N LYS C 152 22.44 -6.44 -16.02
CA LYS C 152 23.58 -7.30 -15.69
C LYS C 152 23.54 -7.77 -14.24
N PHE C 153 22.77 -7.09 -13.37
CA PHE C 153 22.67 -7.50 -11.97
C PHE C 153 21.47 -8.39 -11.71
N GLY C 154 20.51 -8.44 -12.62
CA GLY C 154 19.31 -9.24 -12.43
C GLY C 154 18.19 -8.68 -13.28
N ALA C 155 17.00 -9.23 -13.08
CA ALA C 155 15.86 -8.86 -13.90
C ALA C 155 15.33 -7.50 -13.48
N VAL C 156 15.24 -6.57 -14.45
CA VAL C 156 14.80 -5.20 -14.21
C VAL C 156 13.31 -5.11 -14.56
N ASN C 157 12.48 -4.78 -13.55
CA ASN C 157 11.03 -4.64 -13.77
C ASN C 157 10.67 -3.34 -14.47
N ARG C 158 11.15 -2.28 -13.90
CA ARG C 158 10.83 -0.89 -14.39
CA ARG C 158 10.84 -0.90 -14.38
C ARG C 158 11.94 0.14 -14.00
N VAL C 159 12.12 1.08 -14.91
CA VAL C 159 13.07 2.16 -14.67
C VAL C 159 12.30 3.46 -14.83
N ILE C 160 12.39 4.35 -13.84
CA ILE C 160 11.72 5.65 -13.91
C ILE C 160 12.78 6.74 -13.87
N ILE C 161 12.76 7.61 -14.88
CA ILE C 161 13.59 8.82 -14.88
C ILE C 161 12.72 9.93 -14.30
N TYR C 162 12.96 10.26 -13.03
CA TYR C 162 12.08 11.15 -12.27
C TYR C 162 12.73 12.50 -12.04
N GLN C 163 12.05 13.58 -12.40
CA GLN C 163 12.54 14.93 -12.19
C GLN C 163 11.81 15.56 -11.02
N GLU C 164 12.57 16.17 -10.10
CA GLU C 164 12.01 16.70 -8.86
C GLU C 164 12.46 18.13 -8.63
N LYS C 165 11.51 19.01 -8.35
CA LYS C 165 11.80 20.39 -8.02
C LYS C 165 12.23 20.51 -6.56
N GLN C 166 13.35 21.20 -6.32
CA GLN C 166 13.96 21.26 -4.98
C GLN C 166 13.53 22.48 -4.19
N GLY C 167 12.23 22.74 -4.08
CA GLY C 167 11.80 23.91 -3.37
C GLY C 167 10.58 24.54 -4.01
N GLU C 168 9.92 25.44 -3.30
CA GLU C 168 8.69 26.02 -3.79
C GLU C 168 8.89 27.26 -4.67
N GLU C 169 10.02 27.96 -4.59
CA GLU C 169 10.17 29.16 -5.41
C GLU C 169 10.29 28.82 -6.89
N GLU C 170 9.98 29.81 -7.73
CA GLU C 170 10.01 29.64 -9.18
C GLU C 170 11.37 29.16 -9.69
N ASP C 171 12.47 29.71 -9.17
CA ASP C 171 13.79 29.40 -9.69
C ASP C 171 14.41 28.17 -9.04
N ALA C 172 13.60 27.34 -8.38
CA ALA C 172 14.15 26.21 -7.68
C ALA C 172 14.80 25.23 -8.65
N GLU C 173 15.89 24.63 -8.20
CA GLU C 173 16.65 23.68 -8.98
C GLU C 173 15.85 22.40 -9.23
N ILE C 174 16.05 21.80 -10.41
CA ILE C 174 15.42 20.53 -10.77
C ILE C 174 16.49 19.46 -10.77
N ILE C 175 16.25 18.36 -10.05
CA ILE C 175 17.20 17.26 -10.02
C ILE C 175 16.54 16.04 -10.61
N VAL C 176 17.35 15.04 -10.94
CA VAL C 176 16.89 13.78 -11.52
C VAL C 176 17.19 12.66 -10.53
N LYS C 177 16.17 11.84 -10.26
CA LYS C 177 16.33 10.57 -9.57
C LYS C 177 16.01 9.45 -10.55
N ILE C 178 16.88 8.45 -10.64
CA ILE C 178 16.61 7.30 -11.52
C ILE C 178 16.27 6.11 -10.66
N PHE C 179 15.01 5.64 -10.75
CA PHE C 179 14.55 4.51 -9.97
C PHE C 179 14.71 3.24 -10.79
N VAL C 180 15.27 2.20 -10.19
CA VAL C 180 15.42 0.92 -10.86
C VAL C 180 14.79 -0.13 -9.95
N GLU C 181 13.67 -0.70 -10.38
CA GLU C 181 12.97 -1.75 -9.65
C GLU C 181 13.39 -3.10 -10.22
N PHE C 182 13.95 -3.96 -9.37
CA PHE C 182 14.35 -5.31 -9.76
C PHE C 182 13.27 -6.30 -9.35
N SER C 183 13.41 -7.54 -9.82
CA SER C 183 12.35 -8.52 -9.57
C SER C 183 12.34 -8.99 -8.11
N ILE C 184 13.51 -9.05 -7.46
CA ILE C 184 13.63 -9.56 -6.10
C ILE C 184 14.81 -8.85 -5.44
N ALA C 185 14.76 -8.72 -4.10
CA ALA C 185 15.65 -7.77 -3.42
C ALA C 185 17.13 -8.15 -3.51
N SER C 186 17.46 -9.43 -3.67
CA SER C 186 18.85 -9.84 -3.83
C SER C 186 19.51 -9.20 -5.06
N GLU C 187 18.75 -8.99 -6.13
CA GLU C 187 19.28 -8.33 -7.32
C GLU C 187 19.57 -6.86 -7.04
N THR C 188 18.62 -6.17 -6.40
CA THR C 188 18.78 -4.79 -5.98
C THR C 188 20.03 -4.61 -5.13
N HIS C 189 20.25 -5.53 -4.19
CA HIS C 189 21.42 -5.42 -3.32
C HIS C 189 22.72 -5.52 -4.12
N LYS C 190 22.78 -6.44 -5.09
CA LYS C 190 23.99 -6.55 -5.92
C LYS C 190 24.23 -5.27 -6.69
N ALA C 191 23.18 -4.69 -7.26
CA ALA C 191 23.32 -3.47 -8.04
C ALA C 191 23.83 -2.33 -7.17
N ILE C 192 23.24 -2.17 -6.00
CA ILE C 192 23.63 -1.09 -5.09
C ILE C 192 25.10 -1.24 -4.68
N GLN C 193 25.51 -2.46 -4.30
CA GLN C 193 26.90 -2.66 -3.89
C GLN C 193 27.87 -2.36 -5.03
N ALA C 194 27.49 -2.68 -6.26
CA ALA C 194 28.38 -2.46 -7.39
C ALA C 194 28.39 -1.02 -7.88
N LEU C 195 27.29 -0.28 -7.73
CA LEU C 195 27.18 1.05 -8.33
C LEU C 195 27.38 2.21 -7.36
N ASN C 196 27.13 2.04 -6.07
CA ASN C 196 27.19 3.18 -5.14
C ASN C 196 28.59 3.77 -5.10
N GLY C 197 28.68 5.08 -5.30
CA GLY C 197 29.97 5.76 -5.26
C GLY C 197 30.77 5.68 -6.53
N ARG C 198 30.30 5.01 -7.56
CA ARG C 198 31.06 4.94 -8.80
CA ARG C 198 31.02 4.90 -8.81
C ARG C 198 30.70 6.11 -9.69
N TRP C 199 31.51 6.33 -10.71
CA TRP C 199 31.40 7.53 -11.53
C TRP C 199 30.70 7.26 -12.87
N PHE C 200 29.83 8.19 -13.25
CA PHE C 200 29.10 8.10 -14.51
C PHE C 200 29.07 9.47 -15.16
N ALA C 201 29.73 9.60 -16.32
CA ALA C 201 29.69 10.81 -17.13
C ALA C 201 30.01 12.06 -16.30
N GLY C 202 31.09 11.96 -15.53
CA GLY C 202 31.55 13.12 -14.78
C GLY C 202 30.87 13.36 -13.46
N ARG C 203 30.06 12.42 -12.96
CA ARG C 203 29.36 12.55 -11.69
C ARG C 203 29.56 11.32 -10.83
N LYS C 204 29.74 11.54 -9.53
CA LYS C 204 29.85 10.45 -8.56
C LYS C 204 28.44 10.11 -8.07
N VAL C 205 27.96 8.91 -8.42
CA VAL C 205 26.57 8.52 -8.23
C VAL C 205 26.36 7.98 -6.82
N VAL C 206 25.21 8.31 -6.24
CA VAL C 206 24.76 7.69 -5.01
C VAL C 206 23.74 6.65 -5.40
N ALA C 207 23.99 5.39 -5.02
CA ALA C 207 23.04 4.29 -5.28
C ALA C 207 22.61 3.72 -3.94
N GLU C 208 21.28 3.71 -3.70
CA GLU C 208 20.74 3.39 -2.38
C GLU C 208 19.43 2.66 -2.49
N VAL C 209 19.08 1.96 -1.42
CA VAL C 209 17.77 1.34 -1.35
C VAL C 209 16.72 2.43 -1.23
N TYR C 210 15.55 2.19 -1.81
CA TYR C 210 14.44 3.16 -1.75
C TYR C 210 13.21 2.43 -1.23
N ASP C 211 12.51 3.02 -0.26
CA ASP C 211 11.38 2.34 0.39
C ASP C 211 10.39 1.75 -0.62
N GLN C 212 10.15 0.44 -0.54
CA GLN C 212 9.30 -0.21 -1.54
C GLN C 212 7.84 0.24 -1.42
N GLU C 213 7.34 0.42 -0.19
CA GLU C 213 5.95 0.83 -0.05
C GLU C 213 5.69 2.21 -0.65
N ARG C 214 6.60 3.16 -0.45
CA ARG C 214 6.48 4.46 -1.12
C ARG C 214 6.38 4.29 -2.63
N PHE C 215 7.33 3.54 -3.20
CA PHE C 215 7.39 3.36 -4.64
C PHE C 215 6.13 2.68 -5.17
N ASP C 216 5.64 1.63 -4.47
CA ASP C 216 4.42 0.96 -4.89
C ASP C 216 3.22 1.89 -4.88
N ASN C 217 3.26 2.94 -4.07
CA ASN C 217 2.19 3.93 -3.97
C ASN C 217 2.49 5.21 -4.74
N SER C 218 3.37 5.14 -5.75
CA SER C 218 3.70 6.27 -6.62
C SER C 218 4.20 7.49 -5.84
N ASP C 219 4.92 7.24 -4.74
CA ASP C 219 5.56 8.31 -3.97
C ASP C 219 7.05 8.24 -4.25
N LEU C 220 7.52 9.10 -5.14
CA LEU C 220 8.91 9.13 -5.55
C LEU C 220 9.69 10.27 -4.90
N SER C 221 9.15 10.85 -3.83
CA SER C 221 9.67 12.09 -3.25
C SER C 221 10.81 11.90 -2.25
N ALA C 222 11.14 10.68 -1.83
CA ALA C 222 12.13 10.51 -0.74
C ALA C 222 13.59 10.35 -1.20
N ILE D 14 -38.01 2.85 -10.19
CA ILE D 14 -37.90 1.62 -9.42
C ILE D 14 -38.57 0.45 -10.14
N ILE D 15 -37.88 -0.68 -10.23
CA ILE D 15 -38.44 -1.88 -10.83
C ILE D 15 -39.26 -2.63 -9.79
N HIS D 16 -40.49 -2.97 -10.15
CA HIS D 16 -41.35 -3.76 -9.27
C HIS D 16 -41.31 -5.20 -9.75
N LEU D 17 -40.79 -6.08 -8.89
CA LEU D 17 -40.53 -7.47 -9.23
C LEU D 17 -41.69 -8.36 -8.80
N THR D 18 -41.76 -9.51 -9.46
CA THR D 18 -42.58 -10.65 -9.04
C THR D 18 -41.68 -11.87 -8.99
N ASP D 19 -42.20 -12.95 -8.42
CA ASP D 19 -41.44 -14.19 -8.42
C ASP D 19 -41.09 -14.63 -9.84
N ASP D 20 -42.05 -14.51 -10.76
CA ASP D 20 -41.83 -14.96 -12.13
C ASP D 20 -40.89 -14.06 -12.90
N SER D 21 -40.84 -12.77 -12.60
CA SER D 21 -40.02 -11.83 -13.34
C SER D 21 -38.64 -11.65 -12.75
N PHE D 22 -38.36 -12.24 -11.58
CA PHE D 22 -37.11 -11.96 -10.88
C PHE D 22 -35.89 -12.33 -11.72
N ASP D 23 -35.94 -13.48 -12.40
CA ASP D 23 -34.78 -13.95 -13.13
C ASP D 23 -34.37 -12.97 -14.24
N THR D 24 -35.32 -12.56 -15.08
CA THR D 24 -34.98 -11.67 -16.18
C THR D 24 -34.73 -10.26 -15.68
N ASP D 25 -35.51 -9.81 -14.68
CA ASP D 25 -35.37 -8.43 -14.22
C ASP D 25 -34.06 -8.21 -13.45
N VAL D 26 -33.62 -9.22 -12.72
CA VAL D 26 -32.47 -9.09 -11.81
C VAL D 26 -31.28 -9.90 -12.31
N LEU D 27 -31.44 -11.21 -12.46
CA LEU D 27 -30.26 -12.05 -12.71
C LEU D 27 -29.71 -11.83 -14.12
N LYS D 28 -30.56 -11.43 -15.06
CA LYS D 28 -30.13 -11.20 -16.44
C LYS D 28 -30.09 -9.73 -16.81
N ALA D 29 -30.09 -8.84 -15.82
CA ALA D 29 -29.97 -7.41 -16.12
C ALA D 29 -28.53 -7.09 -16.50
N ASP D 30 -28.35 -5.96 -17.21
CA ASP D 30 -27.00 -5.60 -17.62
C ASP D 30 -26.25 -4.80 -16.57
N GLY D 31 -26.93 -3.89 -15.88
CA GLY D 31 -26.30 -3.10 -14.85
C GLY D 31 -26.47 -3.69 -13.46
N ALA D 32 -25.87 -3.00 -12.49
CA ALA D 32 -26.02 -3.41 -11.10
C ALA D 32 -27.46 -3.19 -10.66
N ILE D 33 -27.99 -4.12 -9.88
CA ILE D 33 -29.38 -4.06 -9.41
C ILE D 33 -29.36 -4.17 -7.89
N LEU D 34 -29.97 -3.19 -7.23
CA LEU D 34 -30.15 -3.22 -5.78
C LEU D 34 -31.57 -3.72 -5.52
N VAL D 35 -31.69 -4.89 -4.90
CA VAL D 35 -32.99 -5.52 -4.68
C VAL D 35 -33.37 -5.33 -3.22
N ASP D 36 -34.59 -4.85 -2.99
CA ASP D 36 -35.11 -4.61 -1.64
C ASP D 36 -36.24 -5.61 -1.36
N PHE D 37 -36.02 -6.50 -0.39
CA PHE D 37 -37.04 -7.43 0.09
C PHE D 37 -37.85 -6.77 1.21
N TRP D 38 -39.16 -6.60 1.01
CA TRP D 38 -39.93 -5.71 1.87
C TRP D 38 -41.36 -6.21 2.05
N ALA D 39 -42.09 -5.53 2.94
CA ALA D 39 -43.50 -5.82 3.15
C ALA D 39 -44.19 -4.55 3.65
N GLU D 40 -45.51 -4.49 3.43
CA GLU D 40 -46.25 -3.26 3.67
C GLU D 40 -46.29 -2.90 5.15
N TRP D 41 -46.37 -3.89 6.03
CA TRP D 41 -46.46 -3.68 7.47
C TRP D 41 -45.11 -3.44 8.12
N CYS D 42 -44.03 -3.49 7.35
CA CYS D 42 -42.66 -3.52 7.88
C CYS D 42 -42.21 -2.08 8.16
N GLY D 43 -42.01 -1.75 9.44
CA GLY D 43 -41.60 -0.44 9.87
C GLY D 43 -40.30 0.05 9.25
N PRO D 44 -39.21 -0.66 9.46
CA PRO D 44 -37.95 -0.23 8.84
C PRO D 44 -38.00 -0.23 7.32
N CYS D 45 -38.87 -1.05 6.70
CA CYS D 45 -39.00 -0.97 5.25
C CYS D 45 -39.61 0.37 4.85
N LYS D 46 -40.58 0.86 5.63
CA LYS D 46 -41.12 2.21 5.40
C LYS D 46 -40.03 3.26 5.50
N MET D 47 -39.12 3.11 6.47
CA MET D 47 -38.12 4.15 6.71
C MET D 47 -37.13 4.28 5.56
N ILE D 48 -36.78 3.15 4.92
CA ILE D 48 -35.84 3.24 3.81
C ILE D 48 -36.51 3.46 2.47
N ALA D 49 -37.84 3.34 2.39
CA ALA D 49 -38.52 3.50 1.10
C ALA D 49 -38.22 4.84 0.44
N PRO D 50 -38.31 6.00 1.12
CA PRO D 50 -37.96 7.25 0.44
C PRO D 50 -36.47 7.40 0.17
N ILE D 51 -35.62 6.77 0.99
CA ILE D 51 -34.18 6.79 0.72
C ILE D 51 -33.89 6.09 -0.60
N LEU D 52 -34.52 4.93 -0.83
CA LEU D 52 -34.33 4.21 -2.08
C LEU D 52 -34.84 5.01 -3.27
N ASP D 53 -35.88 5.83 -3.07
CA ASP D 53 -36.35 6.73 -4.11
C ASP D 53 -35.25 7.73 -4.48
N GLU D 54 -34.58 8.30 -3.48
CA GLU D 54 -33.50 9.25 -3.76
C GLU D 54 -32.31 8.56 -4.39
N ILE D 55 -31.96 7.37 -3.88
CA ILE D 55 -30.87 6.60 -4.46
C ILE D 55 -31.15 6.31 -5.93
N ALA D 56 -32.38 5.87 -6.23
CA ALA D 56 -32.73 5.55 -7.61
C ALA D 56 -32.54 6.74 -8.54
N ASP D 57 -32.80 7.95 -8.04
CA ASP D 57 -32.62 9.14 -8.88
C ASP D 57 -31.14 9.53 -9.00
N GLU D 58 -30.43 9.55 -7.87
CA GLU D 58 -29.05 10.05 -7.90
C GLU D 58 -28.11 9.08 -8.60
N TYR D 59 -28.40 7.78 -8.58
CA TYR D 59 -27.53 6.78 -9.18
C TYR D 59 -28.01 6.31 -10.55
N GLN D 60 -28.91 7.06 -11.18
CA GLN D 60 -29.35 6.75 -12.54
C GLN D 60 -28.16 6.51 -13.45
N GLY D 61 -28.24 5.45 -14.26
CA GLY D 61 -27.16 5.10 -15.15
C GLY D 61 -26.04 4.29 -14.54
N LYS D 62 -26.02 4.14 -13.21
CA LYS D 62 -25.05 3.30 -12.54
C LYS D 62 -25.69 2.23 -11.68
N LEU D 63 -26.97 2.36 -11.34
CA LEU D 63 -27.64 1.41 -10.47
C LEU D 63 -29.13 1.48 -10.74
N THR D 64 -29.79 0.33 -10.73
CA THR D 64 -31.23 0.24 -10.79
C THR D 64 -31.74 -0.34 -9.48
N VAL D 65 -32.77 0.28 -8.91
CA VAL D 65 -33.36 -0.19 -7.66
C VAL D 65 -34.59 -1.03 -8.00
N ALA D 66 -34.72 -2.17 -7.34
CA ALA D 66 -35.85 -3.06 -7.56
C ALA D 66 -36.40 -3.54 -6.23
N LYS D 67 -37.70 -3.78 -6.18
CA LYS D 67 -38.36 -4.15 -4.93
C LYS D 67 -39.20 -5.41 -5.13
N LEU D 68 -39.10 -6.32 -4.18
CA LEU D 68 -39.92 -7.53 -4.14
C LEU D 68 -40.66 -7.58 -2.82
N ASN D 69 -41.99 -7.50 -2.89
CA ASN D 69 -42.84 -7.68 -1.72
C ASN D 69 -42.96 -9.16 -1.38
N ILE D 70 -42.47 -9.55 -0.20
CA ILE D 70 -42.39 -10.98 0.12
C ILE D 70 -43.72 -11.57 0.55
N ASP D 71 -44.73 -10.75 0.83
CA ASP D 71 -46.08 -11.27 1.02
C ASP D 71 -46.73 -11.64 -0.30
N GLN D 72 -46.64 -10.75 -1.30
CA GLN D 72 -47.25 -10.99 -2.60
C GLN D 72 -46.43 -11.93 -3.45
N ASN D 73 -45.14 -12.06 -3.15
CA ASN D 73 -44.23 -12.91 -3.92
C ASN D 73 -43.37 -13.68 -2.91
N PRO D 74 -43.96 -14.80 -2.38
CA PRO D 74 -43.26 -15.49 -1.28
C PRO D 74 -42.20 -16.49 -1.72
N GLY D 75 -42.00 -16.70 -3.02
CA GLY D 75 -41.09 -17.75 -3.45
C GLY D 75 -39.62 -17.38 -3.47
N THR D 76 -39.29 -16.12 -3.74
CA THR D 76 -37.91 -15.79 -4.09
C THR D 76 -37.01 -15.64 -2.87
N ALA D 77 -37.47 -14.91 -1.85
CA ALA D 77 -36.58 -14.59 -0.73
C ALA D 77 -36.01 -15.81 -0.01
N PRO D 78 -36.75 -16.90 0.19
CA PRO D 78 -36.12 -18.08 0.84
C PRO D 78 -34.98 -18.66 0.05
N LYS D 79 -34.96 -18.47 -1.28
CA LYS D 79 -33.86 -18.95 -2.11
C LYS D 79 -32.57 -18.18 -1.85
N TYR D 80 -32.64 -17.04 -1.18
CA TYR D 80 -31.48 -16.24 -0.81
C TYR D 80 -31.22 -16.25 0.69
N GLY D 81 -31.93 -17.10 1.43
CA GLY D 81 -31.74 -17.15 2.87
C GLY D 81 -32.16 -15.89 3.58
N ILE D 82 -33.13 -15.16 3.02
CA ILE D 82 -33.66 -13.97 3.68
C ILE D 82 -34.38 -14.37 4.95
N ARG D 83 -34.16 -13.60 6.01
CA ARG D 83 -34.79 -13.87 7.30
C ARG D 83 -35.60 -12.67 7.72
N GLY D 84 -34.95 -11.66 8.30
CA GLY D 84 -35.64 -10.43 8.62
C GLY D 84 -35.70 -9.48 7.42
N ILE D 85 -36.56 -8.47 7.54
CA ILE D 85 -36.70 -7.46 6.50
C ILE D 85 -36.62 -6.07 7.13
N PRO D 86 -36.17 -5.04 6.39
CA PRO D 86 -35.69 -5.13 5.00
C PRO D 86 -34.35 -5.84 4.91
N THR D 87 -34.11 -6.55 3.81
CA THR D 87 -32.78 -7.02 3.45
C THR D 87 -32.51 -6.52 2.03
N LEU D 88 -31.33 -5.96 1.82
CA LEU D 88 -30.90 -5.45 0.52
C LEU D 88 -29.82 -6.36 -0.05
N LEU D 89 -30.01 -6.78 -1.31
CA LEU D 89 -29.00 -7.54 -2.04
C LEU D 89 -28.56 -6.76 -3.27
N LEU D 90 -27.26 -6.63 -3.47
CA LEU D 90 -26.71 -5.97 -4.64
C LEU D 90 -26.28 -7.02 -5.66
N PHE D 91 -26.91 -6.99 -6.85
CA PHE D 91 -26.59 -7.93 -7.91
C PHE D 91 -25.78 -7.26 -9.01
N LYS D 92 -24.84 -8.01 -9.58
CA LYS D 92 -24.13 -7.58 -10.79
C LYS D 92 -23.91 -8.80 -11.65
N ASN D 93 -24.39 -8.73 -12.90
CA ASN D 93 -24.26 -9.82 -13.87
C ASN D 93 -24.61 -11.18 -13.26
N GLY D 94 -25.70 -11.19 -12.50
CA GLY D 94 -26.18 -12.43 -11.94
C GLY D 94 -25.47 -12.92 -10.70
N GLU D 95 -24.46 -12.19 -10.21
CA GLU D 95 -23.79 -12.54 -8.97
C GLU D 95 -24.30 -11.65 -7.85
N VAL D 96 -24.36 -12.22 -6.65
CA VAL D 96 -24.66 -11.44 -5.45
C VAL D 96 -23.36 -10.78 -5.03
N ALA D 97 -23.28 -9.45 -5.21
CA ALA D 97 -22.07 -8.72 -4.90
C ALA D 97 -21.97 -8.31 -3.44
N ALA D 98 -23.09 -8.06 -2.77
CA ALA D 98 -23.09 -7.58 -1.40
C ALA D 98 -24.50 -7.72 -0.83
N THR D 99 -24.57 -7.81 0.52
CA THR D 99 -25.83 -7.91 1.23
C THR D 99 -25.84 -6.95 2.42
N LYS D 100 -27.02 -6.47 2.82
CA LYS D 100 -27.16 -5.63 4.00
C LYS D 100 -28.49 -5.96 4.64
N VAL D 101 -28.46 -6.34 5.90
CA VAL D 101 -29.64 -6.77 6.63
C VAL D 101 -30.07 -5.60 7.50
N GLY D 102 -31.33 -5.18 7.38
CA GLY D 102 -31.87 -4.13 8.20
C GLY D 102 -31.73 -2.73 7.62
N ALA D 103 -32.43 -1.79 8.27
CA ALA D 103 -32.46 -0.41 7.82
C ALA D 103 -31.13 0.28 8.08
N LEU D 104 -30.92 1.37 7.36
CA LEU D 104 -29.71 2.18 7.46
C LEU D 104 -30.06 3.57 6.95
N SER D 105 -29.23 4.55 7.31
CA SER D 105 -29.44 5.91 6.86
C SER D 105 -29.08 6.04 5.38
N LYS D 106 -29.54 7.13 4.77
CA LYS D 106 -29.14 7.40 3.38
C LYS D 106 -27.64 7.53 3.25
N GLY D 107 -26.98 8.13 4.24
CA GLY D 107 -25.53 8.23 4.18
C GLY D 107 -24.84 6.89 4.26
N GLN D 108 -25.33 5.99 5.12
CA GLN D 108 -24.77 4.65 5.19
C GLN D 108 -25.00 3.87 3.89
N LEU D 109 -26.18 4.01 3.30
CA LEU D 109 -26.47 3.29 2.05
C LEU D 109 -25.58 3.79 0.91
N LYS D 110 -25.35 5.11 0.82
CA LYS D 110 -24.49 5.60 -0.23
C LYS D 110 -23.06 5.10 -0.04
N GLU D 111 -22.64 4.90 1.20
CA GLU D 111 -21.31 4.32 1.41
C GLU D 111 -21.30 2.84 1.05
N PHE D 112 -22.37 2.11 1.38
CA PHE D 112 -22.49 0.71 1.00
C PHE D 112 -22.46 0.55 -0.52
N LEU D 113 -23.12 1.46 -1.25
CA LEU D 113 -23.15 1.36 -2.70
C LEU D 113 -21.82 1.78 -3.31
N ASP D 114 -21.23 2.88 -2.81
CA ASP D 114 -19.95 3.33 -3.34
C ASP D 114 -18.88 2.28 -3.13
N ALA D 115 -18.91 1.59 -1.99
CA ALA D 115 -17.90 0.58 -1.67
C ALA D 115 -18.08 -0.72 -2.45
N ASN D 116 -19.21 -0.90 -3.13
CA ASN D 116 -19.50 -2.14 -3.82
C ASN D 116 -19.86 -2.00 -5.29
N LEU D 117 -20.16 -0.79 -5.77
CA LEU D 117 -20.59 -0.66 -7.16
C LEU D 117 -19.45 -0.99 -8.13
N ALA D 118 -18.27 -0.42 -7.92
CA ALA D 118 -17.20 -0.75 -8.85
C ALA D 118 -16.62 -2.12 -8.52
N GLY D 119 -15.78 -2.63 -9.42
CA GLY D 119 -15.21 -3.95 -9.18
C GLY D 119 -14.23 -3.98 -8.02
N SER D 120 -13.63 -2.83 -7.71
CA SER D 120 -12.62 -2.77 -6.67
C SER D 120 -12.25 -1.33 -6.39
N ALA D 121 -11.23 -1.11 -5.56
CA ALA D 121 -10.80 0.24 -5.24
C ALA D 121 -9.82 0.78 -6.26
N MET D 122 -9.29 -0.07 -7.14
CA MET D 122 -8.25 0.38 -8.05
C MET D 122 -8.12 -0.62 -9.17
N GLU D 123 -8.07 -0.13 -10.41
CA GLU D 123 -7.79 -1.02 -11.53
C GLU D 123 -6.32 -1.41 -11.46
N SER D 124 -6.06 -2.71 -11.45
CA SER D 124 -4.74 -3.26 -11.14
C SER D 124 -3.83 -3.28 -12.37
N THR D 125 -2.53 -3.21 -12.11
CA THR D 125 -1.54 -3.50 -13.17
C THR D 125 -1.36 -5.00 -13.38
N VAL D 126 -1.95 -5.83 -12.53
CA VAL D 126 -1.68 -7.27 -12.56
C VAL D 126 -2.84 -7.99 -13.24
N MET D 127 -2.52 -8.78 -14.24
CA MET D 127 -3.44 -9.69 -14.90
C MET D 127 -3.12 -11.09 -14.41
N VAL D 128 -4.16 -11.90 -14.15
CA VAL D 128 -3.95 -13.32 -13.84
C VAL D 128 -4.58 -14.13 -14.97
N LEU D 129 -3.85 -15.11 -15.46
CA LEU D 129 -4.31 -16.03 -16.49
C LEU D 129 -4.60 -17.35 -15.80
N ARG D 130 -5.86 -17.77 -15.84
CA ARG D 130 -6.32 -19.00 -15.21
C ARG D 130 -6.70 -20.03 -16.27
N ASN D 131 -6.58 -21.31 -15.90
CA ASN D 131 -6.89 -22.44 -16.78
C ASN D 131 -6.00 -22.43 -18.03
N MET D 132 -4.79 -21.91 -17.92
CA MET D 132 -3.98 -21.79 -19.12
C MET D 132 -3.10 -23.02 -19.37
N VAL D 133 -2.51 -23.59 -18.32
CA VAL D 133 -1.63 -24.75 -18.45
C VAL D 133 -1.84 -25.68 -17.27
N ASP D 134 -1.50 -26.92 -17.46
CA ASP D 134 -1.41 -27.91 -16.41
C ASP D 134 0.00 -27.87 -15.81
N PRO D 135 0.17 -28.22 -14.53
CA PRO D 135 1.52 -28.16 -13.95
C PRO D 135 2.53 -28.99 -14.72
N LYS D 136 2.13 -30.14 -15.24
CA LYS D 136 2.99 -30.95 -16.11
C LYS D 136 3.50 -30.21 -17.36
N ASP D 137 2.77 -29.20 -17.86
CA ASP D 137 3.25 -28.53 -19.05
C ASP D 137 4.30 -27.45 -18.78
N ILE D 138 4.53 -27.10 -17.51
CA ILE D 138 5.49 -26.06 -17.19
C ILE D 138 6.88 -26.51 -17.57
N ASP D 139 7.65 -25.65 -18.23
CA ASP D 139 9.08 -25.88 -18.43
C ASP D 139 9.80 -24.55 -18.29
N ASP D 140 11.09 -24.54 -18.59
CA ASP D 140 11.90 -23.35 -18.36
C ASP D 140 11.62 -22.25 -19.39
N ASP D 141 10.96 -22.57 -20.49
CA ASP D 141 10.68 -21.56 -21.50
C ASP D 141 9.37 -20.83 -21.31
N LEU D 142 8.48 -21.32 -20.43
CA LEU D 142 7.11 -20.77 -20.38
C LEU D 142 7.10 -19.31 -19.98
N GLU D 143 7.86 -18.94 -18.94
CA GLU D 143 7.83 -17.55 -18.47
C GLU D 143 8.26 -16.57 -19.55
N GLY D 144 9.33 -16.92 -20.29
CA GLY D 144 9.77 -16.05 -21.36
C GLY D 144 8.78 -15.97 -22.51
N GLU D 145 8.13 -17.10 -22.83
CA GLU D 145 7.11 -17.07 -23.88
C GLU D 145 5.92 -16.18 -23.48
N VAL D 146 5.44 -16.30 -22.25
CA VAL D 146 4.36 -15.42 -21.79
C VAL D 146 4.82 -13.97 -21.83
N THR D 147 6.06 -13.70 -21.41
CA THR D 147 6.56 -12.33 -21.43
C THR D 147 6.57 -11.76 -22.84
N GLU D 148 7.05 -12.54 -23.80
CA GLU D 148 7.11 -12.03 -25.16
C GLU D 148 5.71 -11.82 -25.74
N GLU D 149 4.77 -12.73 -25.46
CA GLU D 149 3.43 -12.56 -26.01
C GLU D 149 2.69 -11.39 -25.37
N CYS D 150 2.80 -11.21 -24.06
CA CYS D 150 2.04 -10.11 -23.46
C CYS D 150 2.74 -8.77 -23.63
N GLY D 151 4.01 -8.77 -24.02
CA GLY D 151 4.71 -7.55 -24.40
C GLY D 151 4.09 -6.83 -25.57
N LYS D 152 3.28 -7.53 -26.37
CA LYS D 152 2.55 -6.87 -27.45
C LYS D 152 1.52 -5.86 -26.93
N PHE D 153 1.12 -5.96 -25.67
CA PHE D 153 0.13 -5.07 -25.08
C PHE D 153 0.73 -3.92 -24.27
N GLY D 154 1.98 -4.00 -23.90
CA GLY D 154 2.61 -2.97 -23.09
C GLY D 154 3.81 -3.56 -22.40
N ALA D 155 4.42 -2.75 -21.53
CA ALA D 155 5.64 -3.16 -20.87
C ALA D 155 5.33 -4.14 -19.75
N VAL D 156 5.99 -5.29 -19.77
CA VAL D 156 5.77 -6.37 -18.79
C VAL D 156 6.84 -6.24 -17.71
N ASN D 157 6.40 -6.02 -16.47
CA ASN D 157 7.32 -5.88 -15.35
C ASN D 157 7.84 -7.23 -14.89
N ARG D 158 6.94 -8.20 -14.72
CA ARG D 158 7.26 -9.47 -14.09
C ARG D 158 6.17 -10.47 -14.44
N VAL D 159 6.57 -11.74 -14.58
CA VAL D 159 5.65 -12.85 -14.81
C VAL D 159 5.94 -13.91 -13.77
N ILE D 160 4.88 -14.38 -13.07
CA ILE D 160 5.00 -15.42 -12.05
C ILE D 160 4.23 -16.66 -12.50
N ILE D 161 4.90 -17.81 -12.53
CA ILE D 161 4.25 -19.11 -12.74
C ILE D 161 3.95 -19.66 -11.36
N TYR D 162 2.69 -19.60 -10.94
CA TYR D 162 2.30 -19.94 -9.57
C TYR D 162 1.51 -21.25 -9.56
N GLN D 163 1.93 -22.21 -8.73
CA GLN D 163 1.21 -23.47 -8.58
C GLN D 163 0.50 -23.47 -7.24
N GLU D 164 -0.78 -23.84 -7.24
CA GLU D 164 -1.61 -23.74 -6.04
C GLU D 164 -2.34 -25.05 -5.80
N LYS D 165 -2.22 -25.57 -4.59
CA LYS D 165 -2.93 -26.77 -4.17
C LYS D 165 -4.35 -26.42 -3.76
N GLN D 166 -5.32 -27.17 -4.30
CA GLN D 166 -6.74 -26.86 -4.15
C GLN D 166 -7.37 -27.60 -2.97
N GLY D 167 -6.76 -27.49 -1.81
CA GLY D 167 -7.31 -28.20 -0.67
C GLY D 167 -6.23 -28.74 0.24
N GLU D 168 -6.61 -29.16 1.44
CA GLU D 168 -5.64 -29.68 2.39
C GLU D 168 -5.35 -31.16 2.18
N GLU D 169 -6.22 -31.89 1.49
CA GLU D 169 -6.06 -33.32 1.32
C GLU D 169 -4.82 -33.65 0.50
N GLU D 170 -4.27 -34.84 0.74
CA GLU D 170 -3.11 -35.32 0.00
C GLU D 170 -3.36 -35.36 -1.51
N ASP D 171 -4.57 -35.71 -1.93
CA ASP D 171 -4.86 -35.85 -3.35
C ASP D 171 -5.42 -34.58 -3.99
N ALA D 172 -5.29 -33.44 -3.33
CA ALA D 172 -5.86 -32.21 -3.87
C ALA D 172 -5.19 -31.85 -5.19
N GLU D 173 -5.99 -31.37 -6.13
CA GLU D 173 -5.46 -30.99 -7.43
C GLU D 173 -4.57 -29.75 -7.29
N ILE D 174 -3.56 -29.68 -8.15
CA ILE D 174 -2.67 -28.53 -8.27
C ILE D 174 -3.02 -27.83 -9.57
N ILE D 175 -3.28 -26.52 -9.49
CA ILE D 175 -3.58 -25.72 -10.66
C ILE D 175 -2.49 -24.67 -10.81
N VAL D 176 -2.44 -24.06 -12.01
CA VAL D 176 -1.45 -23.04 -12.32
C VAL D 176 -2.17 -21.72 -12.52
N LYS D 177 -1.68 -20.68 -11.85
CA LYS D 177 -2.06 -19.30 -12.14
C LYS D 177 -0.84 -18.60 -12.73
N ILE D 178 -1.01 -17.94 -13.87
CA ILE D 178 0.09 -17.17 -14.44
C ILE D 178 -0.20 -15.69 -14.23
N PHE D 179 0.62 -15.04 -13.41
CA PHE D 179 0.46 -13.61 -13.13
C PHE D 179 1.35 -12.82 -14.08
N VAL D 180 0.78 -11.79 -14.69
CA VAL D 180 1.51 -10.88 -15.58
C VAL D 180 1.30 -9.46 -15.06
N GLU D 181 2.35 -8.86 -14.52
CA GLU D 181 2.32 -7.49 -14.02
C GLU D 181 2.85 -6.55 -15.11
N PHE D 182 2.03 -5.59 -15.50
CA PHE D 182 2.40 -4.58 -16.48
C PHE D 182 2.84 -3.30 -15.77
N SER D 183 3.39 -2.36 -16.55
CA SER D 183 3.92 -1.15 -15.92
C SER D 183 2.82 -0.19 -15.46
N ILE D 184 1.67 -0.16 -16.15
CA ILE D 184 0.58 0.75 -15.82
C ILE D 184 -0.73 0.07 -16.23
N ALA D 185 -1.82 0.41 -15.52
CA ALA D 185 -3.06 -0.39 -15.61
C ALA D 185 -3.70 -0.35 -17.00
N SER D 186 -3.47 0.71 -17.78
CA SER D 186 -4.01 0.74 -19.13
C SER D 186 -3.48 -0.40 -20.00
N GLU D 187 -2.24 -0.83 -19.76
CA GLU D 187 -1.69 -1.95 -20.52
C GLU D 187 -2.35 -3.25 -20.11
N THR D 188 -2.49 -3.45 -18.80
CA THR D 188 -3.21 -4.61 -18.28
C THR D 188 -4.60 -4.71 -18.86
N HIS D 189 -5.30 -3.57 -18.97
CA HIS D 189 -6.66 -3.57 -19.49
C HIS D 189 -6.69 -4.05 -20.93
N LYS D 190 -5.77 -3.56 -21.78
CA LYS D 190 -5.70 -4.02 -23.16
C LYS D 190 -5.43 -5.51 -23.24
N ALA D 191 -4.52 -6.01 -22.40
CA ALA D 191 -4.18 -7.43 -22.45
C ALA D 191 -5.38 -8.28 -22.09
N ILE D 192 -6.10 -7.90 -21.03
CA ILE D 192 -7.26 -8.68 -20.60
C ILE D 192 -8.31 -8.70 -21.71
N GLN D 193 -8.59 -7.54 -22.30
CA GLN D 193 -9.58 -7.51 -23.38
C GLN D 193 -9.17 -8.42 -24.53
N ALA D 194 -7.87 -8.49 -24.82
CA ALA D 194 -7.43 -9.28 -25.95
C ALA D 194 -7.31 -10.77 -25.64
N LEU D 195 -7.02 -11.15 -24.40
CA LEU D 195 -6.72 -12.54 -24.08
C LEU D 195 -7.86 -13.30 -23.44
N ASN D 196 -8.78 -12.63 -22.76
CA ASN D 196 -9.83 -13.34 -22.03
C ASN D 196 -10.67 -14.18 -22.98
N GLY D 197 -10.82 -15.47 -22.65
CA GLY D 197 -11.64 -16.32 -23.48
C GLY D 197 -10.95 -16.95 -24.67
N ARG D 198 -9.67 -16.67 -24.90
CA ARG D 198 -9.01 -17.25 -26.06
C ARG D 198 -8.40 -18.61 -25.72
N TRP D 199 -8.08 -19.36 -26.76
CA TRP D 199 -7.61 -20.74 -26.64
C TRP D 199 -6.10 -20.83 -26.68
N PHE D 200 -5.54 -21.65 -25.78
CA PHE D 200 -4.10 -21.90 -25.75
C PHE D 200 -3.89 -23.38 -25.52
N ALA D 201 -3.36 -24.07 -26.54
CA ALA D 201 -2.94 -25.46 -26.41
C ALA D 201 -4.02 -26.34 -25.78
N GLY D 202 -5.24 -26.22 -26.31
CA GLY D 202 -6.37 -27.04 -25.92
C GLY D 202 -7.15 -26.59 -24.70
N ARG D 203 -6.87 -25.40 -24.17
CA ARG D 203 -7.54 -24.85 -23.00
C ARG D 203 -8.01 -23.43 -23.28
N LYS D 204 -9.22 -23.11 -22.80
CA LYS D 204 -9.81 -21.77 -22.94
C LYS D 204 -9.41 -20.94 -21.71
N VAL D 205 -8.62 -19.90 -21.94
CA VAL D 205 -8.01 -19.15 -20.84
C VAL D 205 -8.95 -18.08 -20.31
N VAL D 206 -8.93 -17.91 -18.99
CA VAL D 206 -9.58 -16.80 -18.30
C VAL D 206 -8.51 -15.79 -17.98
N ALA D 207 -8.69 -14.55 -18.43
CA ALA D 207 -7.79 -13.44 -18.16
C ALA D 207 -8.55 -12.35 -17.41
N GLU D 208 -8.04 -11.96 -16.24
CA GLU D 208 -8.77 -10.98 -15.44
C GLU D 208 -7.80 -10.22 -14.55
N VAL D 209 -8.27 -9.08 -14.01
CA VAL D 209 -7.47 -8.33 -13.05
C VAL D 209 -7.29 -9.14 -11.77
N TYR D 210 -6.18 -8.90 -11.10
CA TYR D 210 -5.85 -9.51 -9.82
C TYR D 210 -5.47 -8.39 -8.87
N ASP D 211 -6.00 -8.40 -7.65
CA ASP D 211 -5.79 -7.29 -6.71
C ASP D 211 -4.32 -6.88 -6.60
N GLN D 212 -4.04 -5.61 -6.87
CA GLN D 212 -2.64 -5.15 -6.90
C GLN D 212 -2.01 -5.19 -5.52
N GLU D 213 -2.75 -4.80 -4.49
CA GLU D 213 -2.18 -4.79 -3.14
C GLU D 213 -1.84 -6.21 -2.66
N ARG D 214 -2.72 -7.18 -2.91
CA ARG D 214 -2.38 -8.57 -2.63
C ARG D 214 -1.08 -8.97 -3.33
N PHE D 215 -1.01 -8.70 -4.63
CA PHE D 215 0.16 -9.11 -5.41
C PHE D 215 1.44 -8.45 -4.88
N ASP D 216 1.38 -7.13 -4.59
CA ASP D 216 2.53 -6.41 -4.04
C ASP D 216 3.00 -6.99 -2.72
N ASN D 217 2.11 -7.66 -1.99
CA ASN D 217 2.45 -8.25 -0.71
C ASN D 217 2.67 -9.76 -0.81
N SER D 218 2.95 -10.25 -2.02
CA SER D 218 3.23 -11.67 -2.26
C SER D 218 2.08 -12.58 -1.81
N ASP D 219 0.84 -12.11 -1.97
CA ASP D 219 -0.35 -12.94 -1.70
C ASP D 219 -0.96 -13.28 -3.06
N LEU D 220 -0.67 -14.50 -3.53
CA LEU D 220 -1.10 -14.98 -4.83
C LEU D 220 -2.28 -15.92 -4.73
N SER D 221 -2.98 -15.92 -3.58
CA SER D 221 -3.95 -16.96 -3.24
C SER D 221 -5.33 -16.71 -3.82
N ALA D 222 -5.60 -15.51 -4.32
CA ALA D 222 -6.96 -15.20 -4.71
C ALA D 222 -7.18 -15.60 -6.18
#